data_6O74
#
_entry.id   6O74
#
_cell.length_a   156.432
_cell.length_b   156.432
_cell.length_c   185.473
_cell.angle_alpha   90.00
_cell.angle_beta   90.00
_cell.angle_gamma   120.00
#
_symmetry.space_group_name_H-M   'P 65 2 2'
#
loop_
_entity.id
_entity.type
_entity.pdbx_description
1 polymer Csm4
2 polymer Csm1
3 non-polymer 'PHOSPHOAMINOPHOSPHONIC ACID-ADENYLATE ESTER'
4 non-polymer 'MANGANESE (II) ION'
#
loop_
_entity_poly.entity_id
_entity_poly.type
_entity_poly.pdbx_seq_one_letter_code
_entity_poly.pdbx_strand_id
1 'polypeptide(L)'
;MPKFIAVKLIPKGPFRDIPRADTLFGAIGNAISAIHGQSAVEELVDAFVGGARISSAFPYSGDTYYLPKPLSVEPALEGI
LTGLDEEERYTTAKRLRKAKYLDLKNFELALRLRPFTIPEEIPYARVDVPRVVLDRVTQDSSIYFWEEIRFREKSGVYFL
YSGPREVFDGYIAPAMRFLGDTGIGGKSTWGAGLFEVEFHEMKIDAPGSEYSVTLSNALPTKTPVLWRLLRKGGWSFGRR
KPRMTFIAEGSIVKNDPGGMERLELGLSHEVYVYGLTFPLGVELPEGLE
;
B
2 'polypeptide(L)'
;MGSSHHHHHHSQDPMEIDELTALGGLLHDIGKPVQRAGLYSGDHSTQGARFLRDLAENTGRAEYELLSLFSEFHHKGHMK
NDELMIRRIKELSPERFGLTMEDVLNALWIVYEADNLASGEREEGQPQASRPLYSVFNPGKAYPWAELDFEKELPVPGDV
FSIRSQDYRELVKRLWEELSKAKLRSDRLLPVLEKYLTFVSSVTSEGNIISLYDHMRMTSAIALAMLRAGCTAEDVRSGR
CRKEKRFLLIEGDFSGIQDFIYRVSGKGTLKYLRARSAYLELIGWDVVLEILSRLGLTRANVVFNAGGHFMIIAQNTPDA
VKELEEIRAKAVEWLYREFESDLYLAIEWEPVSGREFGREGGKNLFAEARKRLKHKLTVRKLKRFGEIKGLFEHGHTERL
AECPVCGRELPEGKLEPSASDPETKVCPTCNRLVSLGGNLPKLLGFGRTAKNDAGVLVEGPFSGFVPYLQGGRPVGEQIL
VKNTLNPGEIPESAQFVPYFVADYFKKDPKGGVATFEELSMASTGTRRLGVMKGDVDRLGEFFSSMDSPSKLATASRFMD
YFFKGYIGAIIEGKFGYIIGDVPSLRDWPEEPDIVVVYAGGDDFFIVGAWDQIFELAFRVRRAFNAYTGGKLTLSVGLGY
FDERTPIYRMADVVSERLDTAKDEGRNRVFVVGRSRPLDGKHKLSYEWNHYEELWRTYAPRIYAGNGRLKGKLESKKGLL
WKLLEIRELYVRDPNDVRWAYLTAYLLGRHGLSDLFPELVGIDTKAVERKEPQPVYWVDGVLKIVLMAVRR
;
A
#
loop_
_chem_comp.id
_chem_comp.type
_chem_comp.name
_chem_comp.formula
ANP non-polymer 'PHOSPHOAMINOPHOSPHONIC ACID-ADENYLATE ESTER' 'C10 H17 N6 O12 P3'
MN non-polymer 'MANGANESE (II) ION' 'Mn 2'
#
# COMPACT_ATOMS: atom_id res chain seq x y z
N PRO A 2 -21.80 26.40 21.61
CA PRO A 2 -23.23 26.53 21.94
C PRO A 2 -23.67 25.43 22.92
N LYS A 3 -24.86 25.56 23.51
CA LYS A 3 -25.47 24.49 24.34
C LYS A 3 -26.51 23.76 23.49
N PHE A 4 -26.69 22.47 23.75
CA PHE A 4 -27.60 21.56 23.02
C PHE A 4 -28.25 20.62 24.03
N ILE A 5 -29.38 20.02 23.63
CA ILE A 5 -29.97 18.84 24.34
C ILE A 5 -29.24 17.60 23.82
N ALA A 6 -28.61 16.86 24.73
CA ALA A 6 -28.09 15.49 24.50
C ALA A 6 -29.21 14.50 24.79
N VAL A 7 -29.70 13.81 23.77
CA VAL A 7 -30.65 12.68 23.92
C VAL A 7 -29.79 11.43 24.17
N LYS A 8 -29.73 10.95 25.41
CA LYS A 8 -29.02 9.70 25.82
C LYS A 8 -29.93 8.48 25.61
N LEU A 9 -29.55 7.58 24.70
CA LEU A 9 -30.15 6.24 24.55
C LEU A 9 -29.44 5.27 25.51
N ILE A 10 -30.11 4.86 26.58
CA ILE A 10 -29.63 3.81 27.52
C ILE A 10 -30.09 2.46 26.99
N PRO A 11 -29.17 1.59 26.49
CA PRO A 11 -29.55 0.33 25.87
C PRO A 11 -30.00 -0.76 26.86
N LYS A 12 -31.16 -1.35 26.61
CA LYS A 12 -31.68 -2.56 27.28
C LYS A 12 -31.40 -3.76 26.37
N GLY A 13 -30.11 -4.06 26.14
CA GLY A 13 -29.64 -5.11 25.21
C GLY A 13 -28.65 -4.56 24.19
N PRO A 14 -28.03 -5.43 23.36
CA PRO A 14 -27.09 -4.98 22.34
C PRO A 14 -27.77 -4.32 21.12
N PHE A 15 -27.01 -3.57 20.32
CA PHE A 15 -27.48 -2.78 19.15
C PHE A 15 -26.93 -3.36 17.84
N ARG A 16 -27.59 -3.06 16.73
CA ARG A 16 -27.20 -3.52 15.37
C ARG A 16 -26.26 -2.45 14.78
N ASP A 17 -26.73 -1.21 14.69
CA ASP A 17 -26.00 -0.04 14.16
C ASP A 17 -25.74 0.96 15.31
N ILE A 18 -24.80 1.88 15.12
CA ILE A 18 -24.82 3.21 15.78
C ILE A 18 -25.51 4.17 14.82
N PRO A 19 -26.78 4.55 15.04
CA PRO A 19 -27.58 5.20 14.01
C PRO A 19 -26.99 6.57 13.64
N ARG A 20 -26.96 6.91 12.35
CA ARG A 20 -26.53 8.28 11.93
C ARG A 20 -27.78 9.11 11.58
N ALA A 21 -27.55 10.40 11.38
CA ALA A 21 -28.59 11.46 11.38
C ALA A 21 -29.75 11.07 10.47
N ASP A 22 -29.47 10.56 9.28
CA ASP A 22 -30.52 10.17 8.28
C ASP A 22 -31.42 9.12 8.92
N THR A 23 -30.86 8.04 9.47
CA THR A 23 -31.63 6.93 10.10
C THR A 23 -32.40 7.46 11.33
N LEU A 24 -31.78 8.32 12.15
CA LEU A 24 -32.46 8.93 13.34
C LEU A 24 -33.66 9.75 12.89
N PHE A 25 -33.50 10.61 11.88
CA PHE A 25 -34.62 11.47 11.41
C PHE A 25 -35.73 10.57 10.88
N GLY A 26 -35.36 9.56 10.10
CA GLY A 26 -36.30 8.57 9.55
C GLY A 26 -37.16 7.98 10.65
N ALA A 27 -36.53 7.32 11.62
CA ALA A 27 -37.18 6.72 12.80
C ALA A 27 -38.13 7.74 13.44
N ILE A 28 -37.66 8.95 13.74
CA ILE A 28 -38.45 10.00 14.44
C ILE A 28 -39.67 10.38 13.57
N GLY A 29 -39.45 10.58 12.27
CA GLY A 29 -40.51 10.86 11.28
C GLY A 29 -41.58 9.77 11.28
N ASN A 30 -41.17 8.51 11.41
CA ASN A 30 -42.07 7.32 11.45
C ASN A 30 -42.93 7.38 12.72
N ALA A 31 -42.29 7.38 13.88
CA ALA A 31 -42.93 7.40 15.21
C ALA A 31 -43.97 8.53 15.23
N ILE A 32 -43.62 9.72 14.74
CA ILE A 32 -44.48 10.94 14.77
C ILE A 32 -45.72 10.73 13.88
N SER A 33 -45.59 9.96 12.79
CA SER A 33 -46.72 9.60 11.88
C SER A 33 -47.71 8.70 12.63
N ALA A 34 -47.19 7.74 13.39
CA ALA A 34 -47.98 6.77 14.20
C ALA A 34 -48.65 7.48 15.39
N ILE A 35 -48.08 8.57 15.90
CA ILE A 35 -48.62 9.33 17.07
C ILE A 35 -49.59 10.41 16.59
N HIS A 36 -49.20 11.30 15.67
CA HIS A 36 -49.95 12.54 15.33
C HIS A 36 -50.35 12.64 13.85
N GLY A 37 -50.02 11.66 13.01
CA GLY A 37 -50.30 11.71 11.56
C GLY A 37 -49.39 12.67 10.82
N GLN A 38 -49.45 12.68 9.47
CA GLN A 38 -48.51 13.40 8.58
C GLN A 38 -48.48 14.90 8.91
N SER A 39 -49.64 15.47 9.26
CA SER A 39 -49.78 16.88 9.72
C SER A 39 -48.56 17.25 10.57
N ALA A 40 -48.18 16.38 11.50
CA ALA A 40 -47.06 16.57 12.45
C ALA A 40 -45.73 16.39 11.72
N VAL A 41 -45.59 15.33 10.90
CA VAL A 41 -44.36 15.07 10.11
C VAL A 41 -44.00 16.37 9.38
N GLU A 42 -44.99 16.99 8.74
CA GLU A 42 -44.83 18.19 7.88
C GLU A 42 -44.30 19.35 8.72
N GLU A 43 -44.79 19.49 9.95
CA GLU A 43 -44.39 20.55 10.92
C GLU A 43 -42.97 20.26 11.43
N LEU A 44 -42.57 18.97 11.45
CA LEU A 44 -41.21 18.52 11.87
C LEU A 44 -40.18 18.97 10.83
N VAL A 45 -40.40 18.58 9.57
CA VAL A 45 -39.61 19.00 8.37
C VAL A 45 -39.48 20.53 8.34
N ASP A 46 -40.58 21.24 8.56
CA ASP A 46 -40.64 22.73 8.53
C ASP A 46 -39.73 23.28 9.61
N ALA A 47 -39.79 22.71 10.82
CA ALA A 47 -38.94 23.11 11.97
C ALA A 47 -37.47 22.89 11.61
N PHE A 48 -37.17 21.77 10.94
CA PHE A 48 -35.79 21.38 10.56
C PHE A 48 -35.31 22.30 9.44
N VAL A 49 -36.09 22.42 8.36
CA VAL A 49 -35.83 23.35 7.23
C VAL A 49 -35.67 24.78 7.77
N GLY A 50 -36.36 25.10 8.87
CA GLY A 50 -36.37 26.44 9.48
C GLY A 50 -35.18 26.67 10.39
N GLY A 51 -34.37 25.64 10.69
CA GLY A 51 -33.09 25.86 11.40
C GLY A 51 -32.81 24.87 12.51
N ALA A 52 -33.81 24.11 12.96
CA ALA A 52 -33.64 22.98 13.91
C ALA A 52 -32.69 21.97 13.26
N ARG A 53 -31.88 21.28 14.07
CA ARG A 53 -30.89 20.26 13.62
C ARG A 53 -30.82 19.11 14.65
N ILE A 54 -30.47 17.91 14.19
CA ILE A 54 -30.06 16.77 15.06
C ILE A 54 -28.74 16.20 14.53
N SER A 55 -27.83 15.82 15.43
CA SER A 55 -26.55 15.12 15.10
C SER A 55 -26.84 13.66 14.75
N SER A 56 -25.81 12.97 14.24
CA SER A 56 -25.73 11.50 14.29
C SER A 56 -25.50 11.08 15.74
N ALA A 57 -25.77 9.82 16.06
CA ALA A 57 -25.50 9.24 17.39
C ALA A 57 -24.01 9.00 17.53
N PHE A 58 -23.48 9.25 18.73
CA PHE A 58 -22.08 8.97 19.13
C PHE A 58 -22.14 8.16 20.42
N PRO A 59 -21.04 7.43 20.76
CA PRO A 59 -20.99 6.72 22.04
C PRO A 59 -20.79 7.71 23.19
N TYR A 60 -21.36 7.37 24.34
CA TYR A 60 -21.01 7.97 25.66
C TYR A 60 -20.56 6.82 26.56
N SER A 61 -19.58 7.09 27.42
CA SER A 61 -19.10 6.16 28.47
C SER A 61 -19.19 6.85 29.83
N GLY A 62 -20.06 6.33 30.70
CA GLY A 62 -20.30 6.88 32.05
C GLY A 62 -20.76 8.32 31.96
N ASP A 63 -19.86 9.27 32.23
CA ASP A 63 -20.11 10.74 32.15
C ASP A 63 -19.13 11.34 31.13
N THR A 64 -18.73 10.55 30.13
CA THR A 64 -17.85 10.99 29.01
C THR A 64 -18.64 10.92 27.70
N TYR A 65 -18.83 12.06 27.05
CA TYR A 65 -19.41 12.18 25.69
C TYR A 65 -18.28 12.18 24.66
N TYR A 66 -18.41 11.35 23.62
CA TYR A 66 -17.47 11.27 22.48
C TYR A 66 -18.10 12.01 21.29
N LEU A 67 -17.26 12.61 20.45
CA LEU A 67 -17.68 13.32 19.21
C LEU A 67 -16.78 12.89 18.06
N PRO A 68 -17.21 13.07 16.80
CA PRO A 68 -16.43 12.62 15.66
C PRO A 68 -15.16 13.49 15.55
N LYS A 69 -14.04 12.83 15.27
CA LYS A 69 -12.74 13.47 14.95
C LYS A 69 -12.94 14.35 13.73
N PRO A 70 -12.74 15.68 13.84
CA PRO A 70 -12.85 16.55 12.68
C PRO A 70 -11.72 16.26 11.67
N LEU A 71 -12.09 16.00 10.41
CA LEU A 71 -11.14 15.75 9.29
C LEU A 71 -10.21 16.96 9.11
N SER A 72 -10.45 18.04 9.86
CA SER A 72 -9.65 19.29 9.80
C SER A 72 -8.21 19.03 10.26
N VAL A 73 -7.97 18.01 11.09
CA VAL A 73 -6.66 17.79 11.78
C VAL A 73 -5.80 16.79 11.00
N GLU A 74 -6.38 15.98 10.11
CA GLU A 74 -5.65 14.95 9.33
C GLU A 74 -4.45 15.59 8.62
N PRO A 75 -4.64 16.73 7.91
CA PRO A 75 -3.52 17.40 7.23
C PRO A 75 -2.68 18.33 8.12
N ALA A 76 -3.01 18.44 9.41
CA ALA A 76 -2.36 19.35 10.38
C ALA A 76 -1.44 18.57 11.33
N LEU A 77 -1.45 17.24 11.26
CA LEU A 77 -0.93 16.35 12.34
C LEU A 77 0.52 16.68 12.67
N GLU A 78 1.25 17.31 11.73
CA GLU A 78 2.57 17.95 11.99
C GLU A 78 2.32 19.39 12.47
N GLY A 79 1.76 19.52 13.68
CA GLY A 79 1.42 20.81 14.33
C GLY A 79 1.25 20.64 15.83
N ASP A 85 10.38 13.21 19.04
CA ASP A 85 11.00 11.94 18.60
C ASP A 85 10.34 11.51 17.28
N GLU A 86 11.14 11.28 16.22
CA GLU A 86 10.69 10.94 14.83
C GLU A 86 9.99 9.57 14.81
N GLU A 87 10.35 8.66 15.73
CA GLU A 87 9.77 7.30 15.88
C GLU A 87 8.56 7.33 16.83
N GLU A 88 8.34 8.46 17.51
CA GLU A 88 7.07 8.77 18.24
C GLU A 88 6.11 9.48 17.28
N ARG A 89 6.65 10.33 16.39
CA ARG A 89 5.88 11.18 15.43
C ARG A 89 5.10 10.28 14.45
N TYR A 90 5.78 9.33 13.79
CA TYR A 90 5.18 8.43 12.76
C TYR A 90 4.15 7.49 13.40
N THR A 91 4.49 6.87 14.54
CA THR A 91 3.66 5.86 15.24
C THR A 91 2.35 6.49 15.73
N THR A 92 2.43 7.56 16.52
CA THR A 92 1.29 8.23 17.18
C THR A 92 0.38 8.85 16.10
N ALA A 93 0.96 9.50 15.08
CA ALA A 93 0.24 10.19 13.97
C ALA A 93 -0.62 9.20 13.19
N LYS A 94 -0.17 7.95 13.04
CA LYS A 94 -0.95 6.87 12.35
C LYS A 94 -2.11 6.44 13.23
N ARG A 95 -1.96 6.50 14.57
CA ARG A 95 -3.03 6.07 15.53
C ARG A 95 -4.10 7.15 15.66
N LEU A 96 -3.75 8.43 15.51
CA LEU A 96 -4.74 9.55 15.43
C LEU A 96 -5.55 9.38 14.15
N ARG A 97 -4.87 9.06 13.03
CA ARG A 97 -5.46 8.99 11.68
C ARG A 97 -6.49 7.84 11.61
N LYS A 98 -6.46 6.90 12.56
CA LYS A 98 -7.40 5.75 12.64
C LYS A 98 -8.60 6.12 13.53
N ALA A 99 -8.37 6.99 14.52
CA ALA A 99 -9.37 7.41 15.54
C ALA A 99 -10.63 7.95 14.83
N LYS A 100 -11.79 7.44 15.24
CA LYS A 100 -13.11 7.88 14.72
C LYS A 100 -13.70 8.93 15.68
N TYR A 101 -13.23 8.94 16.93
CA TYR A 101 -13.86 9.67 18.05
C TYR A 101 -12.80 10.33 18.94
N LEU A 102 -13.13 11.51 19.46
CA LEU A 102 -12.42 12.19 20.58
C LEU A 102 -13.44 12.46 21.69
N ASP A 103 -13.00 12.52 22.95
CA ASP A 103 -13.85 12.98 24.08
C ASP A 103 -14.15 14.47 23.86
N LEU A 104 -15.16 15.01 24.53
CA LEU A 104 -15.59 16.43 24.36
C LEU A 104 -14.36 17.35 24.44
N LYS A 105 -13.62 17.30 25.56
CA LYS A 105 -12.47 18.18 25.89
C LYS A 105 -11.50 18.25 24.71
N ASN A 106 -11.13 17.08 24.17
CA ASN A 106 -10.11 16.90 23.10
C ASN A 106 -10.72 17.25 21.73
N PHE A 107 -12.04 17.08 21.56
CA PHE A 107 -12.77 17.51 20.35
C PHE A 107 -12.64 19.03 20.21
N GLU A 108 -12.86 19.75 21.32
CA GLU A 108 -12.82 21.24 21.39
C GLU A 108 -11.41 21.73 21.06
N LEU A 109 -10.38 21.01 21.50
CA LEU A 109 -8.94 21.31 21.20
C LEU A 109 -8.66 21.08 19.72
N ALA A 110 -9.14 19.98 19.15
CA ALA A 110 -8.98 19.64 17.71
C ALA A 110 -9.60 20.72 16.82
N LEU A 111 -10.69 21.37 17.27
CA LEU A 111 -11.40 22.43 16.49
C LEU A 111 -10.52 23.67 16.34
N ARG A 112 -9.66 23.92 17.34
CA ARG A 112 -8.76 25.10 17.45
C ARG A 112 -7.34 24.77 16.99
N LEU A 113 -7.13 23.54 16.47
CA LEU A 113 -5.83 23.01 15.98
C LEU A 113 -4.79 22.99 17.09
N ARG A 114 -5.21 22.97 18.35
CA ARG A 114 -4.30 22.81 19.51
C ARG A 114 -4.05 21.32 19.70
N PRO A 115 -2.96 20.90 20.37
CA PRO A 115 -2.68 19.48 20.53
C PRO A 115 -3.76 18.86 21.43
N PHE A 116 -4.13 17.62 21.12
CA PHE A 116 -5.15 16.82 21.86
C PHE A 116 -4.69 15.36 21.90
N THR A 117 -5.35 14.55 22.71
CA THR A 117 -5.08 13.10 22.85
C THR A 117 -6.36 12.31 22.56
N ILE A 118 -6.20 11.02 22.29
CA ILE A 118 -7.26 10.09 21.82
C ILE A 118 -7.80 9.32 23.02
N PRO A 119 -9.10 8.93 23.02
CA PRO A 119 -9.59 7.95 23.98
C PRO A 119 -8.86 6.62 23.79
N GLU A 120 -8.30 6.06 24.88
CA GLU A 120 -7.42 4.87 24.87
C GLU A 120 -8.27 3.64 24.54
N GLU A 121 -9.30 3.38 25.34
CA GLU A 121 -10.37 2.39 25.07
C GLU A 121 -11.61 3.15 24.60
N ILE A 122 -12.36 2.60 23.65
CA ILE A 122 -13.66 3.16 23.17
C ILE A 122 -14.77 2.35 23.82
N PRO A 123 -15.90 2.97 24.23
CA PRO A 123 -16.89 2.33 25.10
C PRO A 123 -17.75 1.22 24.46
N TYR A 124 -17.41 0.79 23.25
CA TYR A 124 -18.12 -0.29 22.53
C TYR A 124 -17.12 -1.07 21.68
N ALA A 125 -17.27 -2.40 21.67
CA ALA A 125 -16.62 -3.32 20.73
C ALA A 125 -17.68 -3.79 19.74
N ARG A 126 -17.33 -3.87 18.45
CA ARG A 126 -18.11 -4.60 17.44
C ARG A 126 -17.80 -6.09 17.63
N VAL A 127 -18.82 -6.87 18.00
CA VAL A 127 -18.77 -8.36 18.02
C VAL A 127 -19.73 -8.84 16.94
N ASP A 128 -19.22 -9.24 15.77
CA ASP A 128 -20.07 -9.84 14.71
C ASP A 128 -20.06 -11.37 14.86
N VAL A 129 -21.24 -11.96 15.07
CA VAL A 129 -21.43 -13.39 15.44
C VAL A 129 -21.70 -14.18 14.16
N PRO A 130 -20.99 -15.32 13.93
CA PRO A 130 -21.18 -16.13 12.75
C PRO A 130 -22.27 -17.18 12.99
N ARG A 131 -23.01 -17.53 11.95
CA ARG A 131 -23.96 -18.67 11.98
C ARG A 131 -23.91 -19.37 10.62
N VAL A 132 -23.98 -20.70 10.63
CA VAL A 132 -24.02 -21.56 9.41
C VAL A 132 -25.46 -21.52 8.86
N VAL A 133 -25.63 -21.51 7.54
CA VAL A 133 -26.96 -21.42 6.86
C VAL A 133 -27.14 -22.60 5.91
N LEU A 134 -28.28 -23.31 6.01
CA LEU A 134 -28.68 -24.46 5.14
C LEU A 134 -27.54 -25.48 5.08
N SER A 141 -24.21 -25.22 2.46
CA SER A 141 -23.98 -24.57 3.78
C SER A 141 -22.94 -23.45 3.64
N SER A 142 -23.08 -22.35 4.40
CA SER A 142 -22.14 -21.19 4.39
C SER A 142 -22.18 -20.47 5.75
N ILE A 143 -21.21 -19.58 5.98
CA ILE A 143 -21.10 -18.74 7.22
C ILE A 143 -21.54 -17.32 6.88
N TYR A 144 -22.53 -16.79 7.63
CA TYR A 144 -23.01 -15.39 7.55
C TYR A 144 -22.74 -14.73 8.90
N PHE A 145 -22.58 -13.41 8.91
CA PHE A 145 -22.19 -12.60 10.09
C PHE A 145 -23.20 -11.48 10.32
N TRP A 146 -23.71 -11.39 11.55
CA TRP A 146 -24.58 -10.28 12.02
C TRP A 146 -23.79 -9.44 13.02
N GLU A 147 -23.29 -8.30 12.53
CA GLU A 147 -22.67 -7.24 13.36
C GLU A 147 -23.64 -6.91 14.50
N GLU A 148 -23.14 -6.97 15.74
CA GLU A 148 -23.84 -6.53 16.97
C GLU A 148 -22.92 -5.56 17.71
N ILE A 149 -23.50 -4.62 18.48
CA ILE A 149 -22.71 -3.63 19.25
C ILE A 149 -22.98 -3.82 20.74
N ARG A 150 -21.96 -4.31 21.44
CA ARG A 150 -21.96 -4.59 22.90
C ARG A 150 -21.49 -3.32 23.62
N PHE A 151 -22.16 -2.95 24.71
CA PHE A 151 -21.89 -1.72 25.48
C PHE A 151 -21.31 -2.09 26.85
N ARG A 152 -20.24 -1.39 27.24
CA ARG A 152 -19.65 -1.45 28.61
C ARG A 152 -20.71 -1.03 29.64
N GLU A 153 -20.35 -1.05 30.93
CA GLU A 153 -21.23 -0.63 32.05
C GLU A 153 -21.52 0.87 31.91
N LYS A 154 -22.79 1.27 32.06
CA LYS A 154 -23.27 2.68 32.07
C LYS A 154 -22.81 3.41 30.79
N SER A 155 -22.54 2.66 29.73
CA SER A 155 -22.15 3.17 28.39
C SER A 155 -23.36 3.01 27.44
N GLY A 156 -23.44 3.87 26.43
CA GLY A 156 -24.49 3.80 25.40
C GLY A 156 -24.20 4.74 24.25
N VAL A 157 -25.26 5.37 23.73
CA VAL A 157 -25.24 6.21 22.50
C VAL A 157 -26.13 7.44 22.75
N TYR A 158 -25.80 8.57 22.13
CA TYR A 158 -26.55 9.84 22.26
C TYR A 158 -26.49 10.61 20.95
N PHE A 159 -27.42 11.52 20.73
CA PHE A 159 -27.35 12.52 19.63
C PHE A 159 -27.70 13.88 20.21
N LEU A 160 -27.25 14.93 19.53
CA LEU A 160 -27.51 16.34 19.93
C LEU A 160 -28.74 16.85 19.18
N TYR A 161 -29.54 17.69 19.83
CA TYR A 161 -30.60 18.51 19.21
C TYR A 161 -30.29 20.00 19.44
N SER A 162 -30.28 20.77 18.34
CA SER A 162 -30.27 22.25 18.33
C SER A 162 -31.60 22.72 17.73
N GLY A 163 -32.25 23.69 18.36
CA GLY A 163 -33.52 24.26 17.88
C GLY A 163 -34.42 24.69 19.03
N PRO A 164 -35.64 25.17 18.71
CA PRO A 164 -36.59 25.57 19.75
C PRO A 164 -37.03 24.38 20.62
N ARG A 165 -37.27 24.66 21.91
CA ARG A 165 -37.68 23.65 22.93
C ARG A 165 -39.08 23.13 22.61
N GLU A 166 -39.98 23.99 22.10
CA GLU A 166 -41.38 23.64 21.73
C GLU A 166 -41.36 22.53 20.68
N VAL A 167 -40.40 22.57 19.74
CA VAL A 167 -40.22 21.52 18.69
C VAL A 167 -39.66 20.24 19.34
N PHE A 168 -38.77 20.39 20.33
CA PHE A 168 -38.20 19.23 21.08
C PHE A 168 -39.30 18.54 21.91
N ASP A 169 -40.07 19.31 22.68
CA ASP A 169 -41.13 18.80 23.60
C ASP A 169 -42.26 18.15 22.77
N GLY A 170 -42.60 18.75 21.64
CA GLY A 170 -43.78 18.43 20.82
C GLY A 170 -43.55 17.29 19.85
N TYR A 171 -42.30 17.08 19.40
CA TYR A 171 -41.97 16.12 18.31
C TYR A 171 -40.84 15.17 18.74
N ILE A 172 -39.65 15.69 19.09
CA ILE A 172 -38.43 14.85 19.28
C ILE A 172 -38.62 13.98 20.53
N ALA A 173 -38.94 14.59 21.68
CA ALA A 173 -39.09 13.90 22.99
C ALA A 173 -40.12 12.78 22.88
N PRO A 174 -41.39 13.05 22.48
CA PRO A 174 -42.41 12.01 22.37
C PRO A 174 -42.01 10.85 21.44
N ALA A 175 -41.46 11.19 20.28
CA ALA A 175 -40.99 10.24 19.24
C ALA A 175 -39.96 9.28 19.85
N MET A 176 -39.01 9.82 20.62
CA MET A 176 -37.86 9.06 21.16
C MET A 176 -38.34 8.08 22.22
N ARG A 177 -39.32 8.48 23.05
CA ARG A 177 -39.98 7.61 24.05
C ARG A 177 -40.66 6.45 23.31
N PHE A 178 -41.54 6.76 22.36
CA PHE A 178 -42.24 5.78 21.51
C PHE A 178 -41.23 4.76 20.93
N LEU A 179 -40.11 5.28 20.43
CA LEU A 179 -39.06 4.46 19.75
C LEU A 179 -38.43 3.48 20.74
N GLY A 180 -38.51 3.76 22.05
CA GLY A 180 -37.90 2.96 23.12
C GLY A 180 -38.85 1.90 23.68
N ASP A 181 -40.15 2.22 23.78
CA ASP A 181 -41.26 1.34 24.26
C ASP A 181 -41.18 1.22 25.78
N LEU A 194 -36.09 -1.68 23.08
CA LEU A 194 -34.63 -1.95 22.98
C LEU A 194 -33.82 -0.91 23.79
N PHE A 195 -34.39 0.25 24.16
CA PHE A 195 -33.70 1.27 25.01
C PHE A 195 -34.68 2.17 25.77
N GLU A 196 -34.15 2.81 26.82
CA GLU A 196 -34.79 3.91 27.60
C GLU A 196 -34.09 5.23 27.24
N VAL A 197 -34.78 6.36 27.45
CA VAL A 197 -34.34 7.70 26.98
C VAL A 197 -34.18 8.60 28.20
N GLU A 198 -33.16 9.44 28.19
CA GLU A 198 -33.05 10.56 29.16
C GLU A 198 -32.25 11.67 28.47
N PHE A 199 -32.50 12.93 28.83
CA PHE A 199 -31.82 14.07 28.17
C PHE A 199 -31.28 15.06 29.19
N HIS A 200 -30.13 15.64 28.84
CA HIS A 200 -29.35 16.61 29.64
C HIS A 200 -28.82 17.69 28.71
N GLU A 201 -28.75 18.94 29.20
CA GLU A 201 -28.09 20.08 28.52
C GLU A 201 -26.62 19.71 28.27
N MET A 202 -26.06 20.07 27.13
CA MET A 202 -24.62 19.85 26.80
C MET A 202 -24.06 21.11 26.15
N LYS A 203 -22.87 21.56 26.58
CA LYS A 203 -22.14 22.70 25.97
C LYS A 203 -20.94 22.15 25.19
N ILE A 204 -20.79 22.56 23.93
CA ILE A 204 -19.56 22.37 23.11
C ILE A 204 -19.02 23.76 22.77
N ASP A 205 -17.87 24.12 23.33
CA ASP A 205 -17.13 25.36 23.00
C ASP A 205 -16.51 25.16 21.62
N ALA A 206 -16.82 26.03 20.66
CA ALA A 206 -16.30 25.95 19.27
C ALA A 206 -15.86 27.33 18.82
N PRO A 207 -14.68 27.46 18.18
CA PRO A 207 -14.25 28.76 17.63
C PRO A 207 -15.27 29.29 16.61
N GLY A 208 -15.47 30.62 16.61
CA GLY A 208 -16.13 31.33 15.50
C GLY A 208 -15.24 31.30 14.27
N SER A 209 -15.81 31.03 13.10
CA SER A 209 -15.07 30.64 11.89
C SER A 209 -15.96 30.63 10.63
N GLU A 210 -15.38 30.97 9.48
CA GLU A 210 -15.95 30.76 8.12
C GLU A 210 -16.31 29.28 7.92
N TYR A 211 -15.60 28.38 8.60
CA TYR A 211 -15.58 26.91 8.35
C TYR A 211 -16.19 26.18 9.54
N SER A 212 -16.74 24.98 9.31
CA SER A 212 -17.43 24.17 10.34
C SER A 212 -17.35 22.67 10.05
N VAL A 213 -17.37 21.84 11.10
CA VAL A 213 -17.63 20.36 11.02
C VAL A 213 -19.14 20.12 11.07
N THR A 214 -19.62 19.11 10.32
CA THR A 214 -20.97 18.53 10.54
C THR A 214 -20.84 17.43 11.60
N LEU A 215 -21.65 17.53 12.66
CA LEU A 215 -21.87 16.41 13.62
C LEU A 215 -22.91 15.44 13.04
N SER A 216 -23.37 15.67 11.81
CA SER A 216 -24.32 14.79 11.10
C SER A 216 -23.81 14.50 9.68
N ASN A 217 -24.13 13.32 9.15
CA ASN A 217 -23.95 13.00 7.71
C ASN A 217 -24.94 13.85 6.92
N ALA A 218 -24.49 14.44 5.81
CA ALA A 218 -25.23 15.50 5.06
C ALA A 218 -25.18 15.25 3.54
N LEU A 219 -26.26 15.66 2.86
CA LEU A 219 -26.34 15.85 1.39
C LEU A 219 -25.94 17.29 1.12
N PRO A 220 -24.68 17.55 0.71
CA PRO A 220 -24.21 18.93 0.58
C PRO A 220 -24.85 19.65 -0.62
N THR A 221 -24.96 20.97 -0.53
CA THR A 221 -25.47 21.86 -1.61
C THR A 221 -24.24 22.40 -2.37
N LYS A 222 -23.30 23.02 -1.65
CA LYS A 222 -21.95 23.40 -2.17
C LYS A 222 -21.04 22.16 -2.14
N THR A 223 -19.93 22.19 -2.89
CA THR A 223 -18.84 21.19 -2.76
C THR A 223 -18.08 21.53 -1.49
N PRO A 224 -17.69 20.53 -0.67
CA PRO A 224 -17.19 20.77 0.67
C PRO A 224 -15.68 21.02 0.65
N VAL A 225 -15.07 21.26 1.81
CA VAL A 225 -13.61 21.56 1.96
C VAL A 225 -12.86 20.22 2.06
N LEU A 226 -13.06 19.49 3.15
CA LEU A 226 -12.53 18.11 3.37
C LEU A 226 -13.72 17.21 3.69
N TRP A 227 -13.69 15.95 3.26
CA TRP A 227 -14.86 15.06 3.44
C TRP A 227 -14.48 13.59 3.22
N ARG A 228 -15.35 12.71 3.74
CA ARG A 228 -15.42 11.27 3.41
C ARG A 228 -16.80 11.01 2.80
N LEU A 229 -16.83 10.43 1.60
CA LEU A 229 -18.09 9.95 0.98
C LEU A 229 -18.63 8.77 1.80
N LEU A 230 -19.94 8.61 1.80
CA LEU A 230 -20.67 7.58 2.57
C LEU A 230 -21.89 7.17 1.73
N ARG A 231 -21.86 5.94 1.19
CA ARG A 231 -22.78 5.46 0.12
C ARG A 231 -23.98 4.74 0.75
N LYS A 232 -25.21 5.14 0.38
CA LYS A 232 -26.47 4.50 0.83
C LYS A 232 -27.51 4.56 -0.30
N ARG A 243 -30.31 5.24 -4.25
CA ARG A 243 -29.00 5.37 -3.56
C ARG A 243 -28.61 6.86 -3.48
N MET A 244 -28.22 7.31 -2.29
CA MET A 244 -27.78 8.70 -1.97
C MET A 244 -26.27 8.72 -1.73
N THR A 245 -25.59 9.83 -2.03
CA THR A 245 -24.18 10.07 -1.62
C THR A 245 -24.13 11.11 -0.50
N PHE A 246 -23.84 10.65 0.72
CA PHE A 246 -23.67 11.50 1.93
C PHE A 246 -22.19 11.84 2.14
N ILE A 247 -21.98 13.03 2.70
CA ILE A 247 -20.75 13.49 3.40
C ILE A 247 -20.80 12.91 4.82
N ALA A 248 -19.71 12.29 5.28
CA ALA A 248 -19.63 11.64 6.61
C ALA A 248 -19.59 12.70 7.73
N GLU A 249 -19.94 12.28 8.95
CA GLU A 249 -19.74 13.05 10.21
C GLU A 249 -18.24 13.30 10.37
N GLY A 250 -17.85 14.55 10.62
CA GLY A 250 -16.45 14.95 10.75
C GLY A 250 -15.97 15.71 9.52
N SER A 251 -16.71 15.63 8.41
CA SER A 251 -16.41 16.41 7.17
C SER A 251 -16.43 17.90 7.49
N ILE A 252 -15.84 18.72 6.61
CA ILE A 252 -15.71 20.20 6.78
C ILE A 252 -16.39 20.88 5.60
N VAL A 253 -17.28 21.83 5.88
CA VAL A 253 -17.98 22.66 4.86
C VAL A 253 -17.71 24.13 5.17
N LYS A 254 -17.92 25.00 4.17
CA LYS A 254 -17.95 26.47 4.34
C LYS A 254 -19.37 26.97 4.06
N ASN A 255 -20.10 27.30 5.13
CA ASN A 255 -21.46 27.90 5.04
C ASN A 255 -22.29 27.02 4.09
N ASP A 256 -22.43 25.74 4.43
CA ASP A 256 -23.28 24.75 3.71
C ASP A 256 -24.35 24.24 4.67
N PRO A 257 -25.64 24.55 4.44
CA PRO A 257 -26.71 24.10 5.31
C PRO A 257 -27.08 22.63 5.05
N GLY A 258 -26.54 22.04 3.98
CA GLY A 258 -27.07 20.78 3.44
C GLY A 258 -28.54 20.95 3.13
N GLY A 259 -29.26 19.85 2.86
CA GLY A 259 -30.68 19.90 2.49
C GLY A 259 -31.41 18.59 2.73
N MET A 260 -32.74 18.69 2.80
CA MET A 260 -33.69 17.55 2.87
C MET A 260 -34.14 17.18 1.45
N GLU A 261 -34.48 15.92 1.23
CA GLU A 261 -35.03 15.42 -0.06
C GLU A 261 -36.34 14.68 0.21
N ARG A 262 -37.40 15.04 -0.52
CA ARG A 262 -38.67 14.26 -0.58
C ARG A 262 -38.56 13.30 -1.77
N LEU A 263 -39.20 12.14 -1.70
CA LEU A 263 -39.28 11.20 -2.85
C LEU A 263 -40.41 10.18 -2.66
N GLU A 264 -40.87 9.60 -3.76
CA GLU A 264 -42.06 8.70 -3.84
C GLU A 264 -41.61 7.26 -4.16
N LEU A 265 -42.13 6.28 -3.41
CA LEU A 265 -41.91 4.82 -3.60
C LEU A 265 -42.93 4.00 -2.79
N GLY A 266 -44.18 4.48 -2.67
CA GLY A 266 -45.27 3.79 -1.96
C GLY A 266 -45.06 3.76 -0.45
N GLU A 270 -45.17 9.62 0.78
CA GLU A 270 -44.04 10.53 0.42
C GLU A 270 -43.07 10.61 1.59
N VAL A 271 -41.82 10.14 1.39
CA VAL A 271 -40.79 10.05 2.47
C VAL A 271 -39.73 11.15 2.29
N TYR A 272 -39.34 11.77 3.40
CA TYR A 272 -38.27 12.80 3.47
C TYR A 272 -36.96 12.14 3.92
N VAL A 273 -35.86 12.43 3.24
CA VAL A 273 -34.48 11.98 3.60
C VAL A 273 -33.74 13.17 4.21
N TYR A 274 -33.29 13.04 5.46
CA TYR A 274 -32.57 14.10 6.23
C TYR A 274 -31.10 14.12 5.84
N GLY A 275 -30.64 15.27 5.35
CA GLY A 275 -29.23 15.52 4.98
C GLY A 275 -28.81 16.93 5.35
N LEU A 276 -29.33 17.49 6.44
CA LEU A 276 -28.96 18.84 6.92
C LEU A 276 -27.65 18.73 7.72
N THR A 277 -26.73 19.67 7.52
CA THR A 277 -25.47 19.81 8.30
C THR A 277 -25.80 20.23 9.72
N PHE A 278 -24.98 19.80 10.68
CA PHE A 278 -25.03 20.20 12.12
C PHE A 278 -23.71 20.89 12.43
N PRO A 279 -23.56 22.19 12.07
CA PRO A 279 -22.27 22.88 12.12
C PRO A 279 -21.74 23.30 13.50
N LEU A 280 -20.46 23.04 13.74
CA LEU A 280 -19.64 23.70 14.79
C LEU A 280 -18.40 24.27 14.09
N GLY A 281 -18.05 25.51 14.43
CA GLY A 281 -16.93 26.26 13.83
C GLY A 281 -15.63 25.52 14.04
N VAL A 282 -14.75 25.56 13.03
CA VAL A 282 -13.48 24.77 13.01
C VAL A 282 -12.37 25.64 12.41
N GLU A 283 -11.25 25.80 13.12
CA GLU A 283 -10.02 26.46 12.61
C GLU A 283 -9.36 25.51 11.61
N LEU A 284 -9.08 25.96 10.38
CA LEU A 284 -8.34 25.17 9.36
C LEU A 284 -6.90 25.65 9.29
N PRO A 285 -5.94 24.73 9.02
CA PRO A 285 -4.58 25.12 8.65
C PRO A 285 -4.56 25.51 7.16
N GLU A 286 -3.68 26.44 6.78
CA GLU A 286 -3.56 26.97 5.39
C GLU A 286 -2.77 25.97 4.54
N GLY A 287 -3.33 25.57 3.38
CA GLY A 287 -2.72 24.57 2.47
C GLY A 287 -3.73 23.98 1.50
N MET B 15 15.91 9.02 -35.95
CA MET B 15 16.13 9.71 -34.65
C MET B 15 15.43 11.07 -34.66
N GLU B 16 15.07 11.59 -33.49
CA GLU B 16 14.65 13.01 -33.25
C GLU B 16 15.07 13.36 -31.82
N ILE B 17 15.34 14.64 -31.53
CA ILE B 17 15.98 15.11 -30.27
C ILE B 17 15.43 14.33 -29.06
N ASP B 18 14.09 14.13 -29.01
CA ASP B 18 13.36 13.46 -27.90
C ASP B 18 13.94 12.06 -27.67
N GLU B 19 14.01 11.21 -28.71
CA GLU B 19 14.59 9.84 -28.63
C GLU B 19 16.09 9.93 -28.34
N LEU B 20 16.82 10.81 -29.04
CA LEU B 20 18.27 11.03 -28.84
C LEU B 20 18.56 11.33 -27.37
N THR B 21 18.01 12.42 -26.82
CA THR B 21 18.29 12.89 -25.44
C THR B 21 17.95 11.78 -24.42
N ALA B 22 16.90 11.00 -24.67
CA ALA B 22 16.51 9.84 -23.84
C ALA B 22 17.64 8.80 -23.88
N LEU B 23 17.86 8.19 -25.05
CA LEU B 23 18.89 7.14 -25.27
C LEU B 23 20.26 7.65 -24.80
N GLY B 24 20.53 8.94 -24.99
CA GLY B 24 21.78 9.61 -24.58
C GLY B 24 21.96 9.57 -23.08
N GLY B 25 21.00 10.11 -22.33
CA GLY B 25 20.99 10.07 -20.86
C GLY B 25 21.18 8.67 -20.34
N LEU B 26 20.64 7.68 -21.06
CA LEU B 26 20.64 6.25 -20.69
C LEU B 26 22.06 5.68 -20.86
N LEU B 27 22.78 6.07 -21.92
CA LEU B 27 24.11 5.50 -22.30
C LEU B 27 25.25 6.43 -21.88
N HIS B 28 24.97 7.59 -21.27
CA HIS B 28 26.03 8.56 -20.88
C HIS B 28 27.12 7.83 -20.08
N ASP B 29 26.75 6.89 -19.22
CA ASP B 29 27.66 6.26 -18.23
C ASP B 29 27.93 4.78 -18.58
N ILE B 30 27.72 4.37 -19.83
CA ILE B 30 28.01 2.98 -20.29
C ILE B 30 29.54 2.79 -20.32
N GLY B 31 30.31 3.87 -20.28
CA GLY B 31 31.76 3.84 -20.09
C GLY B 31 32.18 3.01 -18.89
N LYS B 32 31.41 3.05 -17.80
CA LYS B 32 31.86 2.48 -16.50
C LYS B 32 32.09 0.98 -16.67
N PRO B 33 31.11 0.20 -17.17
CA PRO B 33 31.30 -1.25 -17.32
C PRO B 33 32.48 -1.63 -18.25
N VAL B 34 32.80 -0.81 -19.26
CA VAL B 34 33.86 -1.12 -20.25
C VAL B 34 35.24 -0.90 -19.62
N GLN B 35 35.47 0.24 -18.97
CA GLN B 35 36.76 0.51 -18.26
C GLN B 35 37.03 -0.63 -17.26
N ARG B 36 36.05 -1.02 -16.46
CA ARG B 36 36.20 -1.97 -15.33
C ARG B 36 36.46 -3.38 -15.88
N ALA B 37 36.06 -3.63 -17.13
CA ALA B 37 36.64 -4.68 -18.01
C ALA B 37 37.93 -4.09 -18.61
N GLY B 38 38.94 -4.89 -18.91
CA GLY B 38 40.23 -4.35 -19.41
C GLY B 38 40.22 -4.20 -20.92
N LEU B 39 39.44 -3.25 -21.45
CA LEU B 39 39.30 -3.17 -22.93
C LEU B 39 39.90 -1.93 -23.59
N TYR B 40 39.51 -0.73 -23.21
CA TYR B 40 40.02 0.40 -24.03
C TYR B 40 41.18 1.16 -23.41
N SER B 41 41.62 0.78 -22.22
CA SER B 41 42.80 1.48 -21.67
C SER B 41 42.56 3.00 -21.71
N GLY B 42 41.46 3.46 -21.13
CA GLY B 42 41.17 4.91 -21.09
C GLY B 42 40.16 5.22 -20.01
N ASP B 43 39.93 6.51 -19.71
CA ASP B 43 38.93 6.86 -18.66
C ASP B 43 37.53 6.47 -19.13
N HIS B 44 36.68 6.08 -18.19
CA HIS B 44 35.34 5.51 -18.50
C HIS B 44 34.68 6.36 -19.61
N SER B 45 34.79 7.68 -19.50
CA SER B 45 34.26 8.67 -20.48
C SER B 45 34.73 8.28 -21.90
N THR B 46 36.04 8.39 -22.18
CA THR B 46 36.66 8.12 -23.51
C THR B 46 36.44 6.66 -23.90
N GLN B 47 36.47 5.76 -22.91
CA GLN B 47 36.43 4.30 -23.13
C GLN B 47 35.01 3.87 -23.53
N GLY B 48 33.99 4.59 -23.04
CA GLY B 48 32.57 4.39 -23.40
C GLY B 48 32.29 4.85 -24.82
N ALA B 49 32.89 5.98 -25.21
CA ALA B 49 32.91 6.49 -26.61
C ALA B 49 33.44 5.39 -27.54
N ARG B 50 34.63 4.85 -27.24
CA ARG B 50 35.28 3.77 -28.05
C ARG B 50 34.32 2.59 -28.18
N PHE B 51 33.60 2.24 -27.10
CA PHE B 51 32.71 1.04 -27.05
C PHE B 51 31.51 1.19 -28.00
N LEU B 52 30.85 2.34 -28.00
CA LEU B 52 29.65 2.59 -28.85
C LEU B 52 30.10 2.77 -30.31
N ARG B 53 31.13 3.59 -30.56
CA ARG B 53 31.73 3.79 -31.91
C ARG B 53 32.07 2.41 -32.50
N ASP B 54 32.87 1.63 -31.78
CA ASP B 54 33.29 0.26 -32.20
C ASP B 54 32.04 -0.58 -32.47
N LEU B 55 31.02 -0.48 -31.61
CA LEU B 55 29.73 -1.24 -31.72
C LEU B 55 28.97 -0.76 -32.96
N ALA B 56 28.86 0.56 -33.14
CA ALA B 56 28.22 1.22 -34.30
C ALA B 56 28.82 0.68 -35.60
N GLU B 57 30.16 0.64 -35.68
CA GLU B 57 30.93 0.20 -36.88
C GLU B 57 30.62 -1.26 -37.17
N ASN B 58 30.55 -2.11 -36.14
CA ASN B 58 30.00 -3.48 -36.23
C ASN B 58 28.47 -3.39 -36.35
N THR B 59 27.83 -4.34 -37.05
CA THR B 59 26.38 -4.33 -37.37
C THR B 59 26.10 -3.29 -38.47
N GLY B 60 26.49 -2.02 -38.23
CA GLY B 60 26.43 -0.93 -39.20
C GLY B 60 25.32 0.06 -38.89
N ARG B 61 25.17 0.40 -37.60
CA ARG B 61 24.08 1.27 -37.08
C ARG B 61 24.73 2.55 -36.56
N ALA B 62 24.65 3.61 -37.37
CA ALA B 62 25.41 4.89 -37.20
C ALA B 62 24.88 5.69 -36.01
N GLU B 63 23.66 5.38 -35.52
CA GLU B 63 23.01 6.08 -34.38
C GLU B 63 23.87 5.87 -33.12
N TYR B 64 24.48 4.70 -32.96
CA TYR B 64 25.39 4.37 -31.83
C TYR B 64 26.58 5.34 -31.84
N GLU B 65 27.11 5.67 -33.02
CA GLU B 65 28.25 6.62 -33.17
C GLU B 65 27.75 8.03 -32.88
N LEU B 66 26.49 8.32 -33.15
CA LEU B 66 25.84 9.59 -32.72
C LEU B 66 25.73 9.58 -31.19
N LEU B 67 25.32 8.45 -30.61
CA LEU B 67 25.13 8.25 -29.15
C LEU B 67 26.48 8.15 -28.42
N SER B 68 27.56 7.83 -29.14
CA SER B 68 28.93 7.73 -28.57
C SER B 68 29.38 9.08 -28.01
N LEU B 69 28.89 10.17 -28.59
CA LEU B 69 29.30 11.53 -28.21
C LEU B 69 28.90 11.83 -26.78
N PHE B 70 28.14 10.96 -26.14
CA PHE B 70 27.68 11.28 -24.77
C PHE B 70 28.75 10.96 -23.72
N SER B 71 29.51 9.89 -23.92
CA SER B 71 30.54 9.48 -22.93
C SER B 71 31.60 10.55 -22.77
N GLU B 72 31.88 11.29 -23.84
CA GLU B 72 32.93 12.34 -23.77
C GLU B 72 32.24 13.69 -23.86
N PHE B 73 32.39 14.51 -22.82
CA PHE B 73 31.79 15.86 -22.79
C PHE B 73 32.46 16.71 -21.72
N HIS B 74 32.12 18.00 -21.72
CA HIS B 74 32.62 18.99 -20.74
C HIS B 74 32.54 18.40 -19.34
N ASN B 81 33.55 27.48 -25.16
CA ASN B 81 34.68 26.64 -25.67
C ASN B 81 34.10 25.57 -26.62
N ASP B 82 34.36 24.29 -26.36
CA ASP B 82 33.75 23.13 -27.08
C ASP B 82 34.10 23.20 -28.58
N GLU B 83 35.29 23.68 -28.92
CA GLU B 83 35.73 23.81 -30.34
C GLU B 83 35.74 22.41 -30.98
N LEU B 84 36.42 21.45 -30.35
CA LEU B 84 36.56 20.06 -30.85
C LEU B 84 35.16 19.46 -31.02
N MET B 85 34.34 19.47 -29.97
CA MET B 85 32.99 18.84 -29.97
C MET B 85 32.20 19.34 -31.18
N ILE B 86 32.12 20.66 -31.39
CA ILE B 86 31.31 21.26 -32.51
C ILE B 86 31.74 20.61 -33.84
N ARG B 87 33.06 20.43 -34.04
CA ARG B 87 33.63 19.84 -35.29
C ARG B 87 33.44 18.32 -35.29
N ARG B 88 33.68 17.65 -34.15
CA ARG B 88 33.46 16.17 -34.01
C ARG B 88 32.00 15.85 -34.35
N ILE B 89 31.07 16.71 -33.93
CA ILE B 89 29.61 16.59 -34.24
C ILE B 89 29.45 16.75 -35.76
N LYS B 90 30.07 17.78 -36.35
CA LYS B 90 29.98 18.13 -37.79
C LYS B 90 30.35 16.90 -38.64
N GLU B 91 31.49 16.26 -38.36
CA GLU B 91 32.01 15.06 -39.09
C GLU B 91 30.94 13.97 -39.14
N LEU B 92 30.24 13.74 -38.02
CA LEU B 92 28.97 12.97 -37.98
C LEU B 92 27.86 13.89 -38.53
N SER B 93 27.50 13.75 -39.80
CA SER B 93 26.59 14.68 -40.51
C SER B 93 25.18 14.53 -39.96
N PRO B 94 24.71 15.47 -39.10
CA PRO B 94 23.48 15.28 -38.32
C PRO B 94 22.20 15.16 -39.18
N GLU B 95 22.09 15.98 -40.23
CA GLU B 95 20.93 16.04 -41.17
C GLU B 95 20.52 14.62 -41.59
N ARG B 96 21.49 13.73 -41.74
CA ARG B 96 21.31 12.27 -42.01
C ARG B 96 20.17 11.67 -41.18
N PHE B 97 20.05 12.07 -39.90
CA PHE B 97 19.11 11.49 -38.91
C PHE B 97 17.89 12.40 -38.71
N GLY B 98 17.80 13.50 -39.47
CA GLY B 98 16.81 14.57 -39.25
C GLY B 98 17.09 15.31 -37.95
N LEU B 99 18.32 15.82 -37.80
CA LEU B 99 18.78 16.60 -36.63
C LEU B 99 19.60 17.81 -37.07
N THR B 100 19.49 18.91 -36.33
CA THR B 100 20.34 20.13 -36.42
C THR B 100 21.63 19.87 -35.64
N MET B 101 22.67 20.68 -35.89
CA MET B 101 23.89 20.73 -35.05
C MET B 101 23.51 21.24 -33.66
N GLU B 102 22.97 22.47 -33.57
CA GLU B 102 22.55 23.16 -32.32
C GLU B 102 21.64 22.24 -31.49
N ASP B 103 20.83 21.38 -32.14
CA ASP B 103 19.98 20.36 -31.48
C ASP B 103 20.84 19.42 -30.62
N VAL B 104 21.89 18.84 -31.22
CA VAL B 104 22.79 17.85 -30.57
C VAL B 104 23.60 18.52 -29.45
N LEU B 105 23.99 19.80 -29.61
CA LEU B 105 24.72 20.54 -28.55
C LEU B 105 23.88 20.58 -27.28
N ASN B 106 22.58 20.89 -27.40
CA ASN B 106 21.64 20.93 -26.24
C ASN B 106 21.43 19.52 -25.64
N ALA B 107 21.16 18.52 -26.48
CA ALA B 107 21.05 17.10 -26.07
C ALA B 107 22.25 16.72 -25.19
N LEU B 108 23.46 17.03 -25.66
CA LEU B 108 24.75 16.72 -24.98
C LEU B 108 24.84 17.50 -23.67
N TRP B 109 24.55 18.80 -23.71
CA TRP B 109 24.62 19.70 -22.52
C TRP B 109 23.55 19.30 -21.51
N ILE B 110 22.32 19.09 -21.97
CA ILE B 110 21.16 18.67 -21.11
C ILE B 110 21.62 17.44 -20.33
N VAL B 111 21.97 16.37 -21.05
CA VAL B 111 22.37 15.03 -20.50
C VAL B 111 23.57 15.18 -19.55
N TYR B 112 24.45 16.15 -19.78
CA TYR B 112 25.61 16.47 -18.90
C TYR B 112 25.11 17.00 -17.54
N GLU B 113 24.14 17.92 -17.56
CA GLU B 113 23.52 18.48 -16.33
C GLU B 113 22.67 17.38 -15.67
N ALA B 114 21.88 16.67 -16.46
CA ALA B 114 20.96 15.59 -16.01
C ALA B 114 21.74 14.52 -15.25
N ASP B 115 22.94 14.16 -15.72
CA ASP B 115 23.83 13.16 -15.06
C ASP B 115 24.17 13.63 -13.64
N ASN B 116 24.35 14.94 -13.43
CA ASN B 116 24.81 15.52 -12.14
C ASN B 116 23.62 15.77 -11.20
N LEU B 117 22.38 15.64 -11.68
CA LEU B 117 21.14 15.87 -10.87
C LEU B 117 20.62 14.53 -10.33
N ALA B 118 20.64 13.47 -11.14
CA ALA B 118 20.37 12.07 -10.72
C ALA B 118 21.27 11.70 -9.54
N SER B 119 22.58 12.02 -9.64
CA SER B 119 23.66 11.76 -8.65
C SER B 119 23.15 11.96 -7.23
N PRO B 127 38.57 5.60 -4.31
CA PRO B 127 37.93 4.80 -5.37
C PRO B 127 38.86 3.84 -6.12
N GLN B 128 38.64 2.52 -5.93
CA GLN B 128 39.16 1.43 -6.80
C GLN B 128 38.16 1.23 -7.94
N ALA B 129 38.28 0.13 -8.70
CA ALA B 129 37.37 -0.21 -9.81
C ALA B 129 37.04 -1.72 -9.79
N SER B 130 37.24 -2.37 -8.64
CA SER B 130 36.77 -3.75 -8.36
C SER B 130 35.66 -3.72 -7.31
N ARG B 131 35.39 -2.53 -6.73
CA ARG B 131 34.39 -2.28 -5.66
C ARG B 131 32.99 -2.65 -6.15
N PRO B 132 32.24 -3.49 -5.41
CA PRO B 132 30.89 -3.88 -5.82
C PRO B 132 29.83 -2.87 -5.37
N LEU B 133 28.58 -3.12 -5.74
CA LEU B 133 27.39 -2.36 -5.25
C LEU B 133 27.18 -2.74 -3.78
N TYR B 134 27.23 -1.74 -2.90
CA TYR B 134 26.88 -1.86 -1.45
C TYR B 134 25.36 -1.72 -1.32
N SER B 135 24.73 -2.53 -0.46
CA SER B 135 23.25 -2.61 -0.34
C SER B 135 22.68 -1.31 0.23
N VAL B 136 21.69 -0.74 -0.45
CA VAL B 136 20.88 0.44 -0.01
C VAL B 136 20.26 0.15 1.37
N PHE B 137 20.02 -1.12 1.68
CA PHE B 137 19.36 -1.58 2.92
C PHE B 137 20.38 -1.60 4.07
N ASN B 138 21.63 -1.93 3.75
CA ASN B 138 22.75 -1.99 4.71
C ASN B 138 24.05 -1.64 3.99
N PRO B 139 24.46 -0.36 3.98
CA PRO B 139 25.64 0.08 3.23
C PRO B 139 26.95 -0.60 3.65
N GLY B 140 26.95 -1.27 4.82
CA GLY B 140 28.08 -2.07 5.33
C GLY B 140 28.30 -3.36 4.55
N LYS B 141 27.24 -3.95 3.97
CA LYS B 141 27.31 -5.21 3.18
C LYS B 141 27.20 -4.86 1.69
N ALA B 142 27.53 -5.79 0.81
CA ALA B 142 27.61 -5.57 -0.66
C ALA B 142 27.11 -6.80 -1.43
N TYR B 143 26.72 -6.60 -2.68
CA TYR B 143 26.07 -7.64 -3.51
C TYR B 143 27.14 -8.36 -4.31
N PRO B 144 27.10 -9.71 -4.38
CA PRO B 144 27.91 -10.44 -5.33
C PRO B 144 27.46 -9.98 -6.72
N TRP B 145 28.38 -9.79 -7.65
CA TRP B 145 27.98 -9.55 -9.06
C TRP B 145 27.11 -10.73 -9.50
N ALA B 146 25.92 -10.43 -10.01
CA ALA B 146 25.02 -11.38 -10.72
C ALA B 146 24.10 -10.58 -11.65
N GLU B 147 23.54 -11.22 -12.67
CA GLU B 147 22.53 -10.59 -13.54
C GLU B 147 21.17 -10.75 -12.83
N LEU B 148 20.30 -9.74 -12.93
CA LEU B 148 18.94 -9.80 -12.33
C LEU B 148 18.21 -10.98 -12.98
N ASP B 149 17.95 -12.03 -12.19
CA ASP B 149 17.16 -13.22 -12.59
C ASP B 149 16.41 -13.76 -11.36
N PHE B 150 15.07 -13.76 -11.41
CA PHE B 150 14.19 -14.19 -10.29
C PHE B 150 14.12 -15.71 -10.22
N GLU B 151 14.70 -16.43 -11.18
CA GLU B 151 14.72 -17.91 -11.24
C GLU B 151 16.03 -18.43 -10.64
N LYS B 152 17.08 -17.60 -10.60
CA LYS B 152 18.40 -17.93 -9.98
C LYS B 152 18.36 -17.53 -8.49
N GLU B 153 19.51 -17.30 -7.87
CA GLU B 153 19.70 -17.16 -6.41
C GLU B 153 19.13 -15.81 -5.93
N LEU B 154 18.71 -15.76 -4.66
CA LEU B 154 18.21 -14.55 -3.96
C LEU B 154 19.40 -13.61 -3.72
N PRO B 155 19.33 -12.34 -4.16
CA PRO B 155 20.28 -11.30 -3.75
C PRO B 155 20.38 -11.19 -2.23
N VAL B 156 21.57 -11.41 -1.68
CA VAL B 156 21.85 -11.23 -0.22
C VAL B 156 23.07 -10.34 -0.06
N PRO B 157 22.91 -9.12 0.51
CA PRO B 157 24.06 -8.33 0.97
C PRO B 157 24.87 -9.18 1.96
N GLY B 158 26.11 -9.49 1.60
CA GLY B 158 27.07 -10.24 2.43
C GLY B 158 28.36 -9.46 2.62
N ASP B 159 29.46 -10.16 2.87
CA ASP B 159 30.79 -9.54 3.11
C ASP B 159 31.27 -8.90 1.81
N VAL B 160 32.03 -7.80 1.92
CA VAL B 160 32.60 -7.02 0.78
C VAL B 160 33.66 -7.87 0.06
N PHE B 161 33.41 -8.24 -1.20
CA PHE B 161 34.41 -8.88 -2.11
C PHE B 161 34.61 -7.98 -3.33
N SER B 162 35.87 -7.66 -3.64
CA SER B 162 36.26 -7.08 -4.95
C SER B 162 35.67 -7.98 -6.06
N ILE B 163 35.13 -7.38 -7.11
CA ILE B 163 34.57 -8.10 -8.30
C ILE B 163 35.73 -8.40 -9.26
N ARG B 164 35.83 -9.65 -9.72
CA ARG B 164 36.92 -10.10 -10.64
C ARG B 164 36.71 -9.43 -12.00
N SER B 165 37.80 -8.95 -12.62
CA SER B 165 37.81 -8.20 -13.91
C SER B 165 37.23 -9.06 -15.04
N GLN B 166 37.27 -10.39 -14.91
CA GLN B 166 36.65 -11.33 -15.87
C GLN B 166 35.12 -11.15 -15.86
N ASP B 167 34.53 -11.03 -14.67
CA ASP B 167 33.06 -10.95 -14.47
C ASP B 167 32.48 -9.76 -15.26
N TYR B 168 33.16 -8.60 -15.19
CA TYR B 168 32.85 -7.37 -15.98
C TYR B 168 32.97 -7.65 -17.48
N ARG B 169 34.05 -8.34 -17.89
CA ARG B 169 34.34 -8.64 -19.31
C ARG B 169 33.26 -9.58 -19.86
N GLU B 170 32.76 -10.51 -19.03
CA GLU B 170 31.68 -11.47 -19.40
C GLU B 170 30.36 -10.71 -19.52
N LEU B 171 30.12 -9.77 -18.60
CA LEU B 171 28.99 -8.81 -18.62
C LEU B 171 29.04 -8.03 -19.95
N VAL B 172 30.16 -7.35 -20.20
CA VAL B 172 30.36 -6.38 -21.32
C VAL B 172 30.10 -7.07 -22.68
N LYS B 173 30.29 -8.39 -22.79
CA LYS B 173 30.21 -9.10 -24.09
C LYS B 173 28.75 -9.47 -24.39
N ARG B 174 28.01 -10.01 -23.42
CA ARG B 174 26.53 -10.20 -23.54
C ARG B 174 25.86 -8.84 -23.73
N LEU B 175 26.30 -7.84 -22.97
CA LEU B 175 25.85 -6.42 -23.08
C LEU B 175 26.00 -5.95 -24.53
N TRP B 176 27.15 -6.23 -25.15
CA TRP B 176 27.50 -5.87 -26.55
C TRP B 176 26.65 -6.69 -27.54
N GLU B 177 26.42 -7.98 -27.25
CA GLU B 177 25.66 -8.91 -28.14
C GLU B 177 24.16 -8.60 -28.09
N GLU B 178 23.70 -7.93 -27.02
CA GLU B 178 22.27 -7.59 -26.80
C GLU B 178 21.96 -6.27 -27.51
N LEU B 179 22.79 -5.25 -27.30
CA LEU B 179 22.67 -3.93 -27.97
C LEU B 179 22.77 -4.10 -29.49
N SER B 180 23.52 -5.11 -29.94
CA SER B 180 23.72 -5.46 -31.38
C SER B 180 22.40 -5.86 -32.03
N LYS B 181 21.48 -6.46 -31.27
CA LYS B 181 20.20 -7.04 -31.78
C LYS B 181 18.99 -6.21 -31.34
N ALA B 182 19.17 -5.20 -30.48
CA ALA B 182 18.09 -4.34 -29.91
C ALA B 182 17.76 -3.21 -30.88
N LYS B 183 16.57 -2.62 -30.72
CA LYS B 183 15.94 -1.74 -31.76
C LYS B 183 16.32 -0.28 -31.55
N LEU B 184 17.16 0.03 -30.55
CA LEU B 184 17.66 1.41 -30.31
C LEU B 184 16.50 2.35 -29.98
N ARG B 185 15.57 1.82 -29.17
CA ARG B 185 14.38 2.49 -28.59
C ARG B 185 14.47 2.27 -27.07
N SER B 186 14.34 3.33 -26.29
CA SER B 186 14.52 3.26 -24.81
C SER B 186 13.83 2.00 -24.23
N ASP B 187 12.69 1.59 -24.78
CA ASP B 187 11.90 0.45 -24.28
C ASP B 187 12.59 -0.89 -24.57
N ARG B 188 13.55 -0.92 -25.51
CA ARG B 188 14.37 -2.12 -25.86
C ARG B 188 15.75 -2.01 -25.21
N LEU B 189 16.16 -0.79 -24.89
CA LEU B 189 17.48 -0.49 -24.25
C LEU B 189 17.37 -0.68 -22.73
N LEU B 190 16.28 -0.23 -22.09
CA LEU B 190 16.09 -0.30 -20.61
C LEU B 190 16.20 -1.74 -20.15
N PRO B 191 15.44 -2.71 -20.72
CA PRO B 191 15.48 -4.09 -20.25
C PRO B 191 16.88 -4.72 -20.21
N VAL B 192 17.71 -4.51 -21.24
CA VAL B 192 19.06 -5.14 -21.31
C VAL B 192 19.99 -4.42 -20.32
N LEU B 193 19.85 -3.10 -20.15
CA LEU B 193 20.63 -2.34 -19.14
C LEU B 193 20.22 -2.79 -17.74
N GLU B 194 18.98 -3.29 -17.57
CA GLU B 194 18.46 -3.71 -16.25
C GLU B 194 18.85 -5.16 -15.96
N LYS B 195 18.81 -6.03 -16.98
CA LYS B 195 19.29 -7.44 -16.89
C LYS B 195 20.72 -7.47 -16.31
N TYR B 196 21.60 -6.58 -16.77
CA TYR B 196 23.09 -6.70 -16.66
C TYR B 196 23.71 -5.62 -15.77
N LEU B 197 23.09 -4.46 -15.53
CA LEU B 197 23.76 -3.37 -14.76
C LEU B 197 23.01 -3.09 -13.44
N THR B 198 22.09 -3.97 -13.06
CA THR B 198 21.31 -3.87 -11.80
C THR B 198 22.25 -4.01 -10.60
N PHE B 199 23.14 -5.01 -10.61
CA PHE B 199 24.06 -5.33 -9.48
C PHE B 199 25.47 -4.83 -9.78
N VAL B 200 25.58 -3.57 -10.24
CA VAL B 200 26.83 -2.87 -10.60
C VAL B 200 26.80 -1.48 -9.94
N SER B 201 27.85 -1.15 -9.18
CA SER B 201 28.01 0.16 -8.50
C SER B 201 28.02 1.27 -9.55
N SER B 202 27.27 2.36 -9.35
CA SER B 202 27.18 3.52 -10.29
C SER B 202 28.50 4.31 -10.20
N VAL B 203 29.00 4.50 -8.97
CA VAL B 203 30.37 5.01 -8.65
C VAL B 203 31.02 3.98 -7.71
N THR B 204 32.34 3.79 -7.81
CA THR B 204 33.09 2.70 -7.10
C THR B 204 33.72 3.24 -5.81
N SER B 205 33.01 4.06 -5.04
CA SER B 205 33.42 4.51 -3.68
C SER B 205 32.97 3.46 -2.65
N GLU B 206 33.46 3.57 -1.41
CA GLU B 206 32.99 2.74 -0.26
C GLU B 206 31.59 3.21 0.13
N GLY B 207 30.69 2.26 0.38
CA GLY B 207 29.30 2.50 0.83
C GLY B 207 28.43 3.11 -0.25
N ASN B 208 28.77 2.93 -1.53
CA ASN B 208 27.96 3.41 -2.68
C ASN B 208 26.77 2.46 -2.89
N ILE B 209 25.58 3.04 -2.89
CA ILE B 209 24.26 2.38 -2.61
C ILE B 209 23.46 2.27 -3.92
N ILE B 210 23.89 2.99 -4.96
CA ILE B 210 23.12 3.28 -6.20
C ILE B 210 23.47 2.24 -7.28
N SER B 211 22.46 1.51 -7.76
CA SER B 211 22.55 0.65 -8.96
C SER B 211 22.90 1.54 -10.15
N LEU B 212 23.79 1.11 -11.04
CA LEU B 212 24.10 1.84 -12.29
C LEU B 212 22.81 1.99 -13.10
N TYR B 213 22.11 0.89 -13.35
CA TYR B 213 20.84 0.86 -14.13
C TYR B 213 19.92 1.99 -13.69
N ASP B 214 19.82 2.22 -12.38
CA ASP B 214 18.91 3.23 -11.79
C ASP B 214 19.47 4.61 -12.10
N HIS B 215 20.77 4.83 -11.93
CA HIS B 215 21.43 6.12 -12.27
C HIS B 215 21.22 6.42 -13.76
N MET B 216 21.29 5.38 -14.60
CA MET B 216 21.16 5.53 -16.07
C MET B 216 19.72 5.95 -16.41
N ARG B 217 18.70 5.25 -15.89
CA ARG B 217 17.26 5.51 -16.23
C ARG B 217 16.82 6.87 -15.66
N MET B 218 17.40 7.30 -14.55
CA MET B 218 17.01 8.58 -13.90
C MET B 218 17.66 9.76 -14.64
N THR B 219 18.86 9.60 -15.21
CA THR B 219 19.51 10.64 -16.04
C THR B 219 18.72 10.79 -17.34
N SER B 220 18.30 9.67 -17.95
CA SER B 220 17.41 9.67 -19.15
C SER B 220 16.09 10.37 -18.82
N ALA B 221 15.56 10.14 -17.62
CA ALA B 221 14.28 10.69 -17.15
C ALA B 221 14.43 12.20 -16.98
N ILE B 222 15.45 12.63 -16.25
CA ILE B 222 15.68 14.06 -15.92
C ILE B 222 16.01 14.83 -17.21
N ALA B 223 16.73 14.21 -18.15
CA ALA B 223 17.21 14.86 -19.38
C ALA B 223 16.03 15.16 -20.31
N LEU B 224 15.22 14.15 -20.60
CA LEU B 224 14.01 14.29 -21.45
C LEU B 224 13.04 15.30 -20.82
N ALA B 225 13.07 15.45 -19.50
CA ALA B 225 12.20 16.40 -18.78
C ALA B 225 12.68 17.83 -19.08
N MET B 226 13.99 18.06 -18.99
CA MET B 226 14.63 19.37 -19.28
C MET B 226 14.37 19.74 -20.75
N LEU B 227 14.50 18.79 -21.68
CA LEU B 227 14.21 19.02 -23.12
C LEU B 227 12.80 19.60 -23.24
N ARG B 228 11.78 18.79 -22.91
CA ARG B 228 10.36 19.23 -22.99
C ARG B 228 10.18 20.46 -22.08
N ALA B 229 11.24 20.88 -21.39
CA ALA B 229 11.19 22.05 -20.49
C ALA B 229 11.45 23.32 -21.29
N GLY B 230 12.15 23.21 -22.42
CA GLY B 230 12.46 24.36 -23.28
C GLY B 230 13.84 24.93 -22.98
N CYS B 231 14.73 24.10 -22.43
CA CYS B 231 16.11 24.53 -22.09
C CYS B 231 16.99 24.49 -23.34
N ALA B 233 20.79 24.33 -24.71
CA ALA B 233 22.02 25.16 -24.71
C ALA B 233 22.00 26.11 -23.50
N GLU B 234 21.90 25.55 -22.29
CA GLU B 234 21.86 26.37 -21.05
C GLU B 234 22.95 25.85 -20.08
N GLY B 239 22.99 28.60 -15.07
CA GLY B 239 22.25 27.44 -14.52
C GLY B 239 20.77 27.74 -14.37
N ARG B 240 20.04 27.81 -15.48
CA ARG B 240 18.61 28.25 -15.55
C ARG B 240 17.68 27.11 -15.15
N CYS B 241 17.82 25.91 -15.72
CA CYS B 241 16.97 24.71 -15.43
C CYS B 241 17.29 24.16 -14.03
N ARG B 242 18.49 24.44 -13.52
CA ARG B 242 19.00 23.94 -12.21
C ARG B 242 18.39 24.76 -11.06
N LYS B 243 18.19 26.07 -11.22
CA LYS B 243 17.76 26.99 -10.14
C LYS B 243 16.36 27.57 -10.43
N GLU B 244 15.58 26.90 -11.29
CA GLU B 244 14.19 27.30 -11.65
C GLU B 244 13.31 26.04 -11.74
N LYS B 245 12.05 26.15 -11.33
CA LYS B 245 11.13 25.00 -11.12
C LYS B 245 10.63 24.51 -12.49
N ARG B 246 11.50 23.79 -13.21
CA ARG B 246 11.28 23.34 -14.61
C ARG B 246 10.84 21.88 -14.64
N PHE B 247 10.85 21.17 -13.50
CA PHE B 247 10.42 19.76 -13.37
C PHE B 247 9.11 19.64 -12.59
N LEU B 248 8.37 18.56 -12.81
CA LEU B 248 7.24 18.11 -11.97
C LEU B 248 7.54 16.73 -11.36
N LEU B 249 7.51 16.60 -10.03
CA LEU B 249 7.26 15.31 -9.34
C LEU B 249 5.76 15.03 -9.38
N ILE B 250 5.35 13.97 -10.10
CA ILE B 250 3.94 13.51 -10.23
C ILE B 250 3.76 12.25 -9.40
N GLU B 251 3.01 12.30 -8.29
CA GLU B 251 2.69 11.11 -7.45
C GLU B 251 1.22 10.72 -7.67
N GLY B 252 0.97 9.47 -8.06
CA GLY B 252 -0.37 8.87 -8.16
C GLY B 252 -0.54 7.76 -7.14
N ASP B 253 -1.73 7.66 -6.53
CA ASP B 253 -2.06 6.62 -5.52
C ASP B 253 -3.56 6.32 -5.53
N PHE B 254 -3.93 5.06 -5.75
CA PHE B 254 -5.31 4.53 -5.69
C PHE B 254 -5.77 4.49 -4.23
N SER B 255 -6.99 4.98 -3.96
CA SER B 255 -7.61 5.03 -2.62
C SER B 255 -8.84 4.12 -2.59
N GLY B 256 -8.88 3.20 -1.63
CA GLY B 256 -9.97 2.21 -1.46
C GLY B 256 -9.64 0.89 -2.12
N ILE B 257 -8.35 0.59 -2.32
CA ILE B 257 -7.89 -0.70 -2.90
C ILE B 257 -8.42 -1.83 -2.02
N GLN B 258 -8.21 -1.75 -0.71
CA GLN B 258 -8.60 -2.82 0.26
C GLN B 258 -10.09 -3.15 0.07
N ASP B 259 -10.94 -2.14 -0.10
CA ASP B 259 -12.40 -2.32 -0.32
C ASP B 259 -12.65 -2.89 -1.71
N PHE B 260 -12.06 -2.29 -2.75
CA PHE B 260 -12.26 -2.69 -4.17
C PHE B 260 -12.01 -4.20 -4.34
N ILE B 261 -11.12 -4.78 -3.53
CA ILE B 261 -10.57 -6.14 -3.80
C ILE B 261 -11.22 -7.15 -2.85
N TYR B 262 -11.31 -6.86 -1.55
CA TYR B 262 -11.67 -7.83 -0.49
C TYR B 262 -13.12 -7.63 0.02
N ARG B 263 -13.95 -6.84 -0.66
CA ARG B 263 -15.39 -6.70 -0.31
C ARG B 263 -16.25 -7.08 -1.52
N VAL B 264 -16.41 -8.39 -1.71
CA VAL B 264 -17.12 -9.06 -2.83
C VAL B 264 -18.48 -9.53 -2.28
N SER B 265 -19.34 -10.12 -3.14
CA SER B 265 -20.66 -10.73 -2.83
C SER B 265 -20.74 -11.16 -1.35
N THR B 269 -14.96 -15.74 -4.11
CA THR B 269 -14.16 -16.89 -4.65
C THR B 269 -12.77 -16.42 -5.08
N LEU B 270 -11.77 -17.28 -4.91
CA LEU B 270 -10.32 -16.95 -5.03
C LEU B 270 -10.01 -16.51 -6.45
N LYS B 271 -10.61 -17.14 -7.47
CA LYS B 271 -10.45 -16.78 -8.90
C LYS B 271 -10.78 -15.30 -9.10
N TYR B 272 -11.98 -14.88 -8.67
CA TYR B 272 -12.50 -13.50 -8.81
C TYR B 272 -11.56 -12.53 -8.08
N LEU B 273 -11.11 -12.91 -6.88
CA LEU B 273 -10.21 -12.09 -6.02
C LEU B 273 -8.93 -11.79 -6.80
N ARG B 274 -8.38 -12.80 -7.46
CA ARG B 274 -7.15 -12.67 -8.29
C ARG B 274 -7.45 -11.83 -9.53
N ALA B 275 -8.65 -11.94 -10.09
CA ALA B 275 -9.08 -11.13 -11.26
C ALA B 275 -9.12 -9.64 -10.87
N ARG B 276 -9.75 -9.30 -9.75
CA ARG B 276 -9.81 -7.90 -9.24
C ARG B 276 -8.37 -7.36 -9.12
N SER B 277 -7.51 -8.10 -8.42
CA SER B 277 -6.10 -7.72 -8.16
C SER B 277 -5.38 -7.47 -9.49
N ALA B 278 -5.52 -8.37 -10.46
CA ALA B 278 -4.90 -8.26 -11.80
C ALA B 278 -5.49 -7.06 -12.54
N TYR B 279 -6.79 -6.84 -12.40
CA TYR B 279 -7.54 -5.75 -13.08
C TYR B 279 -7.00 -4.39 -12.59
N LEU B 280 -6.67 -4.29 -11.31
CA LEU B 280 -6.17 -3.03 -10.68
C LEU B 280 -4.76 -2.72 -11.19
N GLU B 281 -3.98 -3.75 -11.51
CA GLU B 281 -2.60 -3.59 -12.04
C GLU B 281 -2.69 -2.96 -13.44
N LEU B 282 -3.60 -3.45 -14.30
CA LEU B 282 -3.81 -2.92 -15.68
C LEU B 282 -4.39 -1.50 -15.62
N ILE B 283 -5.40 -1.26 -14.77
CA ILE B 283 -6.03 0.08 -14.61
C ILE B 283 -4.92 1.09 -14.29
N GLY B 284 -4.03 0.70 -13.37
CA GLY B 284 -2.86 1.49 -12.96
C GLY B 284 -1.91 1.74 -14.12
N TRP B 285 -1.59 0.71 -14.90
CA TRP B 285 -0.65 0.83 -16.05
C TRP B 285 -1.27 1.72 -17.12
N ASP B 286 -2.58 1.57 -17.35
CA ASP B 286 -3.34 2.31 -18.37
C ASP B 286 -3.24 3.80 -18.07
N VAL B 287 -3.24 4.17 -16.78
CA VAL B 287 -3.07 5.58 -16.34
C VAL B 287 -1.61 6.02 -16.56
N VAL B 288 -0.64 5.25 -16.07
CA VAL B 288 0.81 5.66 -16.10
C VAL B 288 1.23 5.84 -17.56
N LEU B 289 1.02 4.80 -18.38
CA LEU B 289 1.40 4.81 -19.82
C LEU B 289 0.73 6.00 -20.53
N GLU B 290 -0.54 6.29 -20.21
CA GLU B 290 -1.26 7.48 -20.72
C GLU B 290 -0.43 8.72 -20.42
N ILE B 291 -0.10 8.94 -19.14
CA ILE B 291 0.66 10.12 -18.66
C ILE B 291 1.95 10.25 -19.46
N LEU B 292 2.66 9.13 -19.64
CA LEU B 292 3.95 9.10 -20.38
C LEU B 292 3.67 9.51 -21.84
N SER B 293 2.68 8.88 -22.47
CA SER B 293 2.30 9.09 -23.88
C SER B 293 1.96 10.57 -24.14
N ARG B 294 1.12 11.18 -23.30
CA ARG B 294 0.58 12.55 -23.52
C ARG B 294 1.61 13.63 -23.12
N LEU B 295 2.58 13.32 -22.25
CA LEU B 295 3.69 14.26 -21.87
C LEU B 295 4.90 14.00 -22.75
N GLY B 296 4.85 13.00 -23.65
CA GLY B 296 5.95 12.63 -24.55
C GLY B 296 7.16 12.20 -23.76
N LEU B 297 6.94 11.33 -22.77
CA LEU B 297 7.98 10.78 -21.87
C LEU B 297 8.13 9.28 -22.11
N THR B 298 9.19 8.69 -21.54
CA THR B 298 9.57 7.26 -21.67
C THR B 298 9.41 6.57 -20.31
N ARG B 299 9.39 5.23 -20.31
CA ARG B 299 9.25 4.42 -19.08
C ARG B 299 10.36 4.74 -18.07
N ALA B 300 11.50 5.29 -18.51
CA ALA B 300 12.59 5.73 -17.59
C ALA B 300 12.04 6.78 -16.62
N ASN B 301 10.99 7.50 -17.01
CA ASN B 301 10.41 8.62 -16.24
C ASN B 301 9.57 8.08 -15.08
N VAL B 302 9.26 6.79 -15.11
CA VAL B 302 8.55 6.08 -13.99
C VAL B 302 9.59 5.74 -12.93
N VAL B 303 9.68 6.55 -11.87
CA VAL B 303 10.57 6.26 -10.71
C VAL B 303 10.11 4.93 -10.11
N PHE B 304 8.84 4.81 -9.76
CA PHE B 304 8.26 3.49 -9.39
C PHE B 304 6.79 3.40 -9.80
N ASN B 305 6.27 2.17 -9.78
CA ASN B 305 4.84 1.82 -9.94
C ASN B 305 4.58 0.51 -9.17
N ALA B 306 4.31 0.61 -7.86
CA ALA B 306 4.21 -0.52 -6.91
C ALA B 306 3.00 -0.35 -5.98
N GLY B 307 2.20 -1.41 -5.82
CA GLY B 307 1.04 -1.45 -4.91
C GLY B 307 0.09 -0.30 -5.16
N GLY B 308 -0.17 -0.01 -6.43
CA GLY B 308 -1.11 1.05 -6.87
C GLY B 308 -0.59 2.44 -6.58
N HIS B 309 0.72 2.59 -6.40
CA HIS B 309 1.41 3.88 -6.08
C HIS B 309 2.48 4.14 -7.16
N PHE B 310 2.38 5.23 -7.90
CA PHE B 310 3.38 5.59 -8.95
C PHE B 310 3.96 6.99 -8.72
N MET B 311 5.18 7.19 -9.19
CA MET B 311 5.90 8.50 -9.18
C MET B 311 6.56 8.69 -10.54
N ILE B 312 6.42 9.89 -11.13
CA ILE B 312 6.98 10.25 -12.46
C ILE B 312 7.63 11.64 -12.37
N ILE B 313 8.86 11.75 -12.88
CA ILE B 313 9.58 13.04 -13.11
C ILE B 313 9.23 13.50 -14.53
N ALA B 314 8.71 14.73 -14.68
CA ALA B 314 8.25 15.29 -15.97
C ALA B 314 8.56 16.79 -16.08
N GLN B 315 8.27 17.35 -17.25
CA GLN B 315 8.44 18.78 -17.62
C GLN B 315 7.40 19.62 -16.87
N ASN B 316 7.71 20.87 -16.57
CA ASN B 316 6.78 21.82 -15.89
C ASN B 316 6.32 22.89 -16.89
N THR B 317 5.95 22.50 -18.12
CA THR B 317 5.30 23.39 -19.11
C THR B 317 3.81 23.48 -18.77
N PRO B 318 3.18 24.67 -18.91
CA PRO B 318 1.71 24.76 -18.91
C PRO B 318 0.95 23.76 -19.82
N ASP B 319 1.60 23.24 -20.88
CA ASP B 319 1.02 22.18 -21.77
C ASP B 319 0.90 20.86 -21.01
N ALA B 320 1.78 20.64 -20.02
CA ALA B 320 1.85 19.40 -19.21
C ALA B 320 0.76 19.42 -18.13
N VAL B 321 0.67 20.51 -17.35
CA VAL B 321 -0.27 20.61 -16.19
C VAL B 321 -1.71 20.50 -16.71
N LYS B 322 -2.00 21.09 -17.87
CA LYS B 322 -3.31 20.95 -18.59
C LYS B 322 -3.48 19.47 -18.96
N GLU B 323 -2.46 18.88 -19.58
CA GLU B 323 -2.47 17.47 -20.07
C GLU B 323 -2.69 16.53 -18.88
N LEU B 324 -2.10 16.83 -17.73
CA LEU B 324 -2.29 16.07 -16.47
C LEU B 324 -3.74 16.25 -16.02
N GLU B 325 -4.19 17.51 -15.90
CA GLU B 325 -5.54 17.87 -15.37
C GLU B 325 -6.62 17.10 -16.15
N GLU B 326 -6.48 17.00 -17.48
CA GLU B 326 -7.41 16.26 -18.36
C GLU B 326 -7.41 14.78 -17.95
N ILE B 327 -6.22 14.17 -17.86
CA ILE B 327 -6.01 12.74 -17.48
C ILE B 327 -6.59 12.50 -16.09
N ARG B 328 -6.15 13.26 -15.09
CA ARG B 328 -6.63 13.14 -13.68
C ARG B 328 -8.16 13.08 -13.71
N ALA B 329 -8.80 13.90 -14.53
CA ALA B 329 -10.27 14.11 -14.54
C ALA B 329 -10.96 12.95 -15.25
N LYS B 330 -10.50 12.55 -16.44
CA LYS B 330 -11.16 11.49 -17.25
C LYS B 330 -11.00 10.13 -16.56
N ALA B 331 -9.86 9.91 -15.88
CA ALA B 331 -9.56 8.70 -15.08
C ALA B 331 -10.59 8.57 -13.95
N VAL B 332 -10.71 9.61 -13.14
CA VAL B 332 -11.66 9.66 -11.98
C VAL B 332 -13.09 9.45 -12.50
N GLU B 333 -13.52 10.23 -13.50
CA GLU B 333 -14.90 10.17 -14.06
C GLU B 333 -15.18 8.74 -14.51
N TRP B 334 -14.16 8.02 -14.99
CA TRP B 334 -14.32 6.62 -15.46
C TRP B 334 -14.44 5.69 -14.27
N LEU B 335 -13.62 5.90 -13.23
CA LEU B 335 -13.61 5.08 -12.00
C LEU B 335 -14.98 5.17 -11.33
N TYR B 336 -15.53 6.39 -11.22
CA TYR B 336 -16.85 6.65 -10.60
C TYR B 336 -17.94 5.87 -11.36
N ARG B 337 -18.00 6.04 -12.69
CA ARG B 337 -18.99 5.34 -13.57
C ARG B 337 -18.87 3.82 -13.41
N GLU B 338 -17.68 3.31 -13.11
CA GLU B 338 -17.34 1.86 -13.21
C GLU B 338 -17.56 1.14 -11.87
N PHE B 339 -17.27 1.79 -10.74
CA PHE B 339 -17.29 1.16 -9.38
C PHE B 339 -17.91 2.06 -8.31
N GLU B 340 -18.48 3.22 -8.67
CA GLU B 340 -19.06 4.23 -7.74
C GLU B 340 -17.91 4.85 -6.93
N SER B 341 -18.10 5.05 -5.63
CA SER B 341 -17.11 5.64 -4.69
C SER B 341 -16.09 4.60 -4.19
N ASP B 342 -16.13 3.36 -4.69
CA ASP B 342 -15.31 2.23 -4.15
C ASP B 342 -13.81 2.51 -4.36
N LEU B 343 -13.41 2.77 -5.61
CA LEU B 343 -12.01 2.95 -6.00
C LEU B 343 -11.82 4.37 -6.56
N TYR B 344 -10.95 5.14 -5.92
CA TYR B 344 -10.58 6.53 -6.28
C TYR B 344 -9.11 6.56 -6.68
N LEU B 345 -8.72 7.51 -7.54
CA LEU B 345 -7.30 7.78 -7.87
C LEU B 345 -6.93 9.21 -7.47
N ALA B 346 -6.10 9.35 -6.44
CA ALA B 346 -5.51 10.62 -6.01
C ALA B 346 -4.26 10.88 -6.85
N ILE B 347 -4.32 11.83 -7.78
CA ILE B 347 -3.14 12.31 -8.57
C ILE B 347 -2.82 13.75 -8.19
N GLU B 348 -1.54 14.02 -7.94
CA GLU B 348 -1.02 15.35 -7.54
C GLU B 348 0.37 15.49 -8.17
N TRP B 349 0.85 16.72 -8.30
CA TRP B 349 2.16 17.05 -8.89
C TRP B 349 2.66 18.34 -8.25
N GLU B 350 3.93 18.66 -8.45
CA GLU B 350 4.58 19.81 -7.77
C GLU B 350 5.68 20.38 -8.65
N PRO B 351 5.69 21.71 -8.88
CA PRO B 351 6.85 22.38 -9.47
C PRO B 351 8.09 22.16 -8.59
N VAL B 352 9.16 21.64 -9.20
CA VAL B 352 10.44 21.28 -8.54
C VAL B 352 11.59 21.72 -9.47
N SER B 353 12.67 22.25 -8.87
CA SER B 353 13.92 22.67 -9.55
C SER B 353 15.01 21.61 -9.40
N GLY B 354 16.11 21.73 -10.17
CA GLY B 354 17.30 20.85 -10.10
C GLY B 354 17.91 20.81 -8.71
N ARG B 355 18.01 21.96 -8.02
CA ARG B 355 18.43 22.07 -6.60
C ARG B 355 17.80 20.93 -5.78
N GLU B 356 16.51 20.66 -6.03
CA GLU B 356 15.61 19.89 -5.13
C GLU B 356 15.68 18.39 -5.43
N PHE B 357 16.48 17.97 -6.42
CA PHE B 357 16.86 16.54 -6.63
C PHE B 357 18.09 16.20 -5.78
N GLY B 358 18.56 17.15 -4.94
CA GLY B 358 19.88 17.08 -4.31
C GLY B 358 19.85 17.35 -2.83
N ARG B 359 21.04 17.45 -2.23
CA ARG B 359 21.29 17.78 -0.80
C ARG B 359 21.87 19.21 -0.74
N GLU B 360 21.72 19.88 0.42
CA GLU B 360 22.37 21.19 0.77
C GLU B 360 22.33 21.34 2.30
N GLY B 361 23.48 21.30 2.96
CA GLY B 361 23.58 21.45 4.43
C GLY B 361 23.01 20.26 5.18
N ASN B 364 18.64 18.27 3.04
CA ASN B 364 18.00 17.25 2.17
C ASN B 364 16.69 17.82 1.62
N LEU B 365 16.70 18.28 0.37
CA LEU B 365 15.58 19.01 -0.28
C LEU B 365 14.65 18.03 -1.02
N PHE B 366 15.19 16.92 -1.56
CA PHE B 366 14.41 15.89 -2.29
C PHE B 366 13.35 15.31 -1.36
N ALA B 367 13.77 14.83 -0.19
CA ALA B 367 12.88 14.37 0.90
C ALA B 367 11.85 15.46 1.21
N GLU B 368 12.33 16.69 1.41
CA GLU B 368 11.50 17.89 1.74
C GLU B 368 10.45 18.08 0.64
N ALA B 369 10.78 17.76 -0.61
CA ALA B 369 9.94 17.99 -1.80
C ALA B 369 8.89 16.87 -1.90
N ARG B 370 9.32 15.64 -1.65
CA ARG B 370 8.46 14.45 -1.54
C ARG B 370 7.48 14.64 -0.38
N LYS B 371 7.93 15.18 0.75
CA LYS B 371 7.07 15.43 1.94
C LYS B 371 5.95 16.41 1.57
N ARG B 372 6.28 17.56 0.97
CA ARG B 372 5.30 18.57 0.49
C ARG B 372 4.31 17.92 -0.49
N LEU B 373 4.75 16.94 -1.28
CA LEU B 373 3.90 16.28 -2.31
C LEU B 373 2.98 15.24 -1.64
N LYS B 374 3.50 14.44 -0.70
CA LYS B 374 2.71 13.49 0.13
C LYS B 374 1.55 14.27 0.77
N HIS B 375 1.82 15.45 1.35
CA HIS B 375 0.80 16.34 1.96
C HIS B 375 -0.32 16.61 0.95
N LYS B 376 0.03 17.00 -0.28
CA LYS B 376 -0.97 17.29 -1.33
C LYS B 376 -1.84 16.04 -1.53
N LEU B 377 -1.25 14.84 -1.48
CA LEU B 377 -1.95 13.55 -1.74
C LEU B 377 -2.92 13.25 -0.58
N THR B 378 -2.51 13.52 0.66
CA THR B 378 -3.36 13.34 1.85
C THR B 378 -4.59 14.23 1.70
N VAL B 379 -4.41 15.50 1.35
CA VAL B 379 -5.52 16.48 1.12
C VAL B 379 -6.40 15.96 -0.02
N ARG B 380 -5.81 15.52 -1.12
CA ARG B 380 -6.57 15.07 -2.32
C ARG B 380 -7.42 13.85 -1.94
N LYS B 381 -6.93 13.03 -1.01
CA LYS B 381 -7.63 11.80 -0.55
C LYS B 381 -8.82 12.15 0.36
N LEU B 382 -8.77 13.33 0.99
CA LEU B 382 -9.89 13.91 1.78
C LEU B 382 -10.82 14.72 0.87
N LYS B 383 -10.65 14.64 -0.45
CA LYS B 383 -11.51 15.32 -1.46
C LYS B 383 -11.85 14.31 -2.57
N ARG B 384 -12.19 13.08 -2.18
CA ARG B 384 -12.43 11.94 -3.10
C ARG B 384 -13.56 12.30 -4.06
N PHE B 385 -13.25 12.29 -5.36
CA PHE B 385 -14.18 12.52 -6.49
C PHE B 385 -14.59 14.01 -6.56
N GLY B 386 -13.86 14.88 -5.85
CA GLY B 386 -14.00 16.35 -5.93
C GLY B 386 -13.90 16.88 -7.36
N GLU B 387 -13.23 16.13 -8.25
CA GLU B 387 -13.00 16.48 -9.68
C GLU B 387 -14.27 16.19 -10.51
N ILE B 388 -15.33 15.70 -9.87
CA ILE B 388 -16.73 15.72 -10.38
C ILE B 388 -17.46 16.88 -9.69
N LYS B 389 -18.26 17.66 -10.42
CA LYS B 389 -19.20 18.65 -9.84
C LYS B 389 -20.60 18.03 -9.75
N GLY B 390 -20.93 17.10 -10.67
CA GLY B 390 -22.21 16.37 -10.69
C GLY B 390 -22.38 15.40 -9.53
N LEU B 391 -21.45 15.44 -8.56
CA LEU B 391 -21.37 14.48 -7.43
C LEU B 391 -22.40 14.83 -6.36
N PHE B 392 -22.77 16.11 -6.24
CA PHE B 392 -23.60 16.67 -5.14
C PHE B 392 -24.89 17.29 -5.70
N GLU B 393 -25.80 16.43 -6.18
CA GLU B 393 -27.12 16.80 -6.77
C GLU B 393 -28.19 15.79 -6.35
N CYS B 430 -18.21 -8.47 -14.34
CA CYS B 430 -18.26 -9.73 -13.54
C CYS B 430 -18.55 -10.96 -14.43
N ASN B 431 -18.53 -10.81 -15.76
CA ASN B 431 -18.37 -11.89 -16.77
C ASN B 431 -16.99 -11.75 -17.42
N ARG B 432 -16.52 -10.51 -17.59
CA ARG B 432 -15.22 -10.13 -18.20
C ARG B 432 -14.07 -10.38 -17.20
N LEU B 433 -14.38 -10.45 -15.90
CA LEU B 433 -13.39 -10.70 -14.83
C LEU B 433 -13.40 -12.17 -14.40
N VAL B 434 -14.56 -12.85 -14.49
CA VAL B 434 -14.65 -14.34 -14.34
C VAL B 434 -13.70 -14.95 -15.37
N SER B 435 -13.78 -14.51 -16.64
CA SER B 435 -12.90 -14.93 -17.76
C SER B 435 -11.43 -14.60 -17.42
N LEU B 436 -11.16 -13.40 -16.87
CA LEU B 436 -9.83 -12.94 -16.41
C LEU B 436 -9.46 -13.70 -15.13
N PRO B 441 -4.35 -18.97 -17.14
CA PRO B 441 -3.09 -19.65 -16.79
C PRO B 441 -1.98 -19.64 -17.85
N LYS B 442 -2.31 -19.38 -19.13
CA LYS B 442 -1.41 -19.66 -20.30
C LYS B 442 -1.17 -18.41 -21.18
N LEU B 443 -1.28 -17.20 -20.61
CA LEU B 443 -1.12 -15.91 -21.36
C LEU B 443 0.23 -15.28 -21.01
N LEU B 444 0.81 -14.53 -21.96
CA LEU B 444 2.15 -13.91 -21.84
C LEU B 444 2.02 -12.44 -21.42
N GLY B 445 0.85 -11.82 -21.64
CA GLY B 445 0.62 -10.40 -21.30
C GLY B 445 -0.61 -9.85 -21.98
N PHE B 446 -0.68 -8.53 -22.16
CA PHE B 446 -1.83 -7.82 -22.75
C PHE B 446 -1.36 -6.72 -23.72
N GLY B 447 -2.17 -6.46 -24.75
CA GLY B 447 -2.03 -5.35 -25.68
C GLY B 447 -2.90 -4.17 -25.29
N ARG B 448 -2.30 -3.00 -25.08
CA ARG B 448 -2.99 -1.71 -24.82
C ARG B 448 -3.42 -1.13 -26.18
N THR B 449 -4.62 -1.52 -26.63
CA THR B 449 -5.29 -1.04 -27.87
C THR B 449 -6.43 -0.08 -27.51
N ALA B 450 -7.06 0.52 -28.52
CA ALA B 450 -8.24 1.41 -28.37
C ALA B 450 -9.42 0.60 -27.80
N LYS B 451 -10.30 1.28 -27.05
CA LYS B 451 -11.39 0.68 -26.23
C LYS B 451 -12.30 -0.17 -27.11
N ASN B 452 -12.65 0.33 -28.31
CA ASN B 452 -13.40 -0.41 -29.36
C ASN B 452 -12.39 -1.07 -30.30
N ASP B 453 -11.87 -2.23 -29.90
CA ASP B 453 -11.02 -3.14 -30.71
C ASP B 453 -11.54 -4.56 -30.46
N ALA B 454 -11.56 -5.40 -31.48
CA ALA B 454 -11.95 -6.82 -31.37
C ALA B 454 -11.00 -7.52 -30.39
N GLY B 455 -11.53 -8.39 -29.52
CA GLY B 455 -10.71 -9.23 -28.61
C GLY B 455 -10.43 -8.58 -27.26
N VAL B 456 -10.67 -7.27 -27.13
CA VAL B 456 -10.60 -6.54 -25.82
C VAL B 456 -11.35 -7.34 -24.75
N LEU B 457 -10.63 -7.80 -23.71
CA LEU B 457 -11.18 -8.65 -22.62
C LEU B 457 -11.52 -7.79 -21.39
N VAL B 458 -10.77 -6.70 -21.15
CA VAL B 458 -11.12 -5.67 -20.12
C VAL B 458 -10.78 -4.28 -20.65
N GLU B 459 -11.35 -3.25 -20.04
CA GLU B 459 -11.08 -1.82 -20.37
C GLU B 459 -10.66 -1.08 -19.10
N GLY B 460 -9.62 -0.25 -19.23
CA GLY B 460 -9.25 0.77 -18.23
C GLY B 460 -9.81 2.11 -18.64
N PRO B 461 -9.47 3.21 -17.93
CA PRO B 461 -10.07 4.51 -18.23
C PRO B 461 -9.61 5.17 -19.54
N PHE B 462 -8.68 4.55 -20.28
CA PHE B 462 -8.07 5.16 -21.48
C PHE B 462 -7.96 4.19 -22.66
N SER B 463 -7.96 2.88 -22.41
CA SER B 463 -7.61 1.89 -23.46
C SER B 463 -8.15 0.51 -23.10
N GLY B 464 -8.31 -0.33 -24.12
CA GLY B 464 -8.72 -1.75 -24.00
C GLY B 464 -7.50 -2.63 -23.89
N PHE B 465 -7.65 -3.79 -23.25
CA PHE B 465 -6.55 -4.76 -23.02
C PHE B 465 -6.93 -6.07 -23.71
N VAL B 466 -6.14 -6.45 -24.72
CA VAL B 466 -6.31 -7.69 -25.52
C VAL B 466 -5.30 -8.72 -25.04
N PRO B 467 -5.74 -9.86 -24.47
CA PRO B 467 -4.82 -10.89 -23.99
C PRO B 467 -3.90 -11.42 -25.10
N TYR B 468 -2.59 -11.30 -24.89
CA TYR B 468 -1.50 -11.84 -25.74
C TYR B 468 -1.18 -13.26 -25.28
N LEU B 469 -1.61 -14.27 -26.05
CA LEU B 469 -1.49 -15.71 -25.73
C LEU B 469 -0.28 -16.31 -26.45
N GLN B 470 0.15 -17.51 -26.03
CA GLN B 470 1.44 -18.14 -26.40
C GLN B 470 1.54 -18.34 -27.93
N GLY B 471 0.54 -18.99 -28.54
CA GLY B 471 0.53 -19.34 -29.96
C GLY B 471 0.13 -18.17 -30.85
N GLY B 472 -0.24 -17.02 -30.27
CA GLY B 472 -0.92 -15.92 -30.98
C GLY B 472 -0.02 -14.73 -31.24
N ARG B 473 -0.56 -13.70 -31.90
CA ARG B 473 0.11 -12.41 -32.21
C ARG B 473 -0.35 -11.34 -31.21
N PRO B 474 0.55 -10.46 -30.73
CA PRO B 474 0.15 -9.32 -29.91
C PRO B 474 -0.60 -8.28 -30.74
N VAL B 475 -1.47 -7.49 -30.09
CA VAL B 475 -2.24 -6.39 -30.71
C VAL B 475 -2.02 -5.13 -29.87
N GLY B 476 -1.42 -4.08 -30.42
CA GLY B 476 -1.51 -2.73 -29.86
C GLY B 476 -0.21 -1.96 -29.91
N GLU B 477 -0.31 -0.64 -29.69
CA GLU B 477 0.81 0.33 -29.68
C GLU B 477 1.77 -0.06 -28.55
N GLN B 478 1.23 -0.49 -27.40
CA GLN B 478 2.01 -0.96 -26.22
C GLN B 478 1.66 -2.43 -25.95
N ILE B 479 2.67 -3.29 -25.79
CA ILE B 479 2.51 -4.66 -25.24
C ILE B 479 3.00 -4.66 -23.79
N LEU B 480 2.13 -5.02 -22.84
CA LEU B 480 2.51 -5.31 -21.43
C LEU B 480 2.86 -6.79 -21.35
N VAL B 481 4.11 -7.12 -20.98
CA VAL B 481 4.66 -8.51 -21.01
C VAL B 481 5.07 -8.92 -19.57
N LYS B 482 4.62 -10.11 -19.15
CA LYS B 482 4.60 -10.56 -17.73
C LYS B 482 5.85 -11.40 -17.39
N ASN B 483 6.69 -10.89 -16.48
CA ASN B 483 7.76 -11.65 -15.76
C ASN B 483 8.89 -12.05 -16.73
N THR B 484 9.31 -11.10 -17.59
CA THR B 484 10.52 -11.18 -18.45
C THR B 484 11.03 -9.76 -18.67
N LEU B 485 12.32 -9.61 -18.96
CA LEU B 485 12.93 -8.37 -19.51
C LEU B 485 13.30 -8.60 -20.97
N ASN B 486 12.72 -9.64 -21.58
CA ASN B 486 12.98 -10.09 -22.97
C ASN B 486 11.70 -9.91 -23.79
N PRO B 487 11.71 -9.02 -24.80
CA PRO B 487 10.54 -8.79 -25.65
C PRO B 487 9.92 -10.08 -26.22
N GLY B 488 10.78 -11.03 -26.62
CA GLY B 488 10.36 -12.24 -27.34
C GLY B 488 9.80 -11.86 -28.70
N GLU B 489 8.88 -12.67 -29.24
CA GLU B 489 8.33 -12.47 -30.60
C GLU B 489 7.13 -11.50 -30.50
N ILE B 490 7.42 -10.20 -30.48
CA ILE B 490 6.46 -9.08 -30.64
C ILE B 490 6.96 -8.19 -31.78
N PRO B 491 6.08 -7.45 -32.49
CA PRO B 491 6.51 -6.65 -33.63
C PRO B 491 7.39 -5.46 -33.19
N GLU B 492 8.28 -5.03 -34.08
CA GLU B 492 9.35 -4.03 -33.82
C GLU B 492 8.71 -2.68 -33.47
N SER B 493 7.54 -2.37 -34.03
CA SER B 493 6.85 -1.06 -33.88
C SER B 493 6.26 -0.94 -32.46
N ALA B 494 5.91 -2.07 -31.85
CA ALA B 494 5.17 -2.19 -30.57
C ALA B 494 6.10 -1.96 -29.38
N GLN B 495 5.76 -0.98 -28.52
CA GLN B 495 6.53 -0.62 -27.30
C GLN B 495 6.43 -1.78 -26.28
N PHE B 496 7.58 -2.22 -25.78
CA PHE B 496 7.75 -3.28 -24.76
C PHE B 496 7.55 -2.65 -23.38
N VAL B 497 6.58 -3.17 -22.62
CA VAL B 497 6.40 -2.80 -21.18
C VAL B 497 6.50 -4.06 -20.35
N PRO B 498 7.71 -4.35 -19.82
CA PRO B 498 7.88 -5.38 -18.79
C PRO B 498 7.10 -5.04 -17.52
N TYR B 499 6.31 -5.98 -17.03
CA TYR B 499 5.56 -5.85 -15.75
C TYR B 499 5.74 -7.14 -14.94
N PHE B 500 6.17 -7.00 -13.69
CA PHE B 500 6.37 -8.13 -12.75
C PHE B 500 5.14 -8.26 -11.84
N VAL B 501 4.65 -9.49 -11.67
CA VAL B 501 3.51 -9.81 -10.78
C VAL B 501 3.79 -11.15 -10.07
N ALA B 502 3.77 -11.14 -8.74
CA ALA B 502 3.71 -12.34 -7.88
C ALA B 502 2.35 -13.00 -8.12
N ASP B 503 2.33 -14.12 -8.85
CA ASP B 503 1.08 -14.80 -9.29
C ASP B 503 1.18 -16.30 -9.08
N TYR B 504 2.03 -16.76 -8.15
CA TYR B 504 2.07 -18.19 -7.72
C TYR B 504 0.64 -18.64 -7.44
N PHE B 505 0.34 -19.90 -7.75
CA PHE B 505 -0.90 -20.60 -7.31
C PHE B 505 -0.69 -22.12 -7.43
N LYS B 506 -1.23 -22.88 -6.47
CA LYS B 506 -1.36 -24.35 -6.59
C LYS B 506 -2.36 -24.68 -7.71
N LYS B 507 -1.94 -25.47 -8.69
CA LYS B 507 -2.82 -26.04 -9.74
C LYS B 507 -3.65 -27.17 -9.13
N ASP B 508 -4.94 -27.20 -9.47
CA ASP B 508 -5.88 -28.24 -8.98
C ASP B 508 -5.70 -29.50 -9.82
N PRO B 509 -6.58 -30.52 -9.68
CA PRO B 509 -6.54 -31.69 -10.55
C PRO B 509 -6.82 -31.19 -11.97
N LYS B 510 -7.81 -30.29 -12.12
CA LYS B 510 -8.10 -29.59 -13.38
C LYS B 510 -7.03 -28.51 -13.53
N GLY B 511 -6.81 -27.97 -14.72
CA GLY B 511 -5.73 -26.98 -14.93
C GLY B 511 -5.86 -25.66 -14.16
N GLY B 512 -7.05 -25.30 -13.70
CA GLY B 512 -7.33 -24.03 -13.00
C GLY B 512 -6.75 -23.93 -11.61
N VAL B 513 -6.72 -22.71 -11.08
CA VAL B 513 -6.18 -22.36 -9.73
C VAL B 513 -7.05 -22.99 -8.64
N ALA B 514 -6.40 -23.38 -7.55
CA ALA B 514 -7.03 -24.05 -6.39
C ALA B 514 -8.10 -23.16 -5.77
N THR B 515 -9.16 -23.77 -5.24
CA THR B 515 -10.24 -23.11 -4.47
C THR B 515 -9.82 -23.06 -3.00
N PHE B 516 -10.40 -22.12 -2.23
CA PHE B 516 -10.30 -22.06 -0.75
C PHE B 516 -10.54 -23.44 -0.14
N GLU B 517 -11.47 -24.21 -0.72
CA GLU B 517 -11.91 -25.56 -0.29
C GLU B 517 -10.77 -26.58 -0.47
N GLU B 518 -10.17 -26.63 -1.66
CA GLU B 518 -9.09 -27.61 -2.01
C GLU B 518 -7.82 -27.25 -1.23
N LEU B 519 -7.59 -25.97 -0.96
CA LEU B 519 -6.43 -25.49 -0.18
C LEU B 519 -6.59 -25.95 1.28
N SER B 520 -7.76 -25.76 1.86
CA SER B 520 -8.08 -26.12 3.27
C SER B 520 -7.96 -27.64 3.45
N MET B 521 -8.48 -28.41 2.47
CA MET B 521 -8.51 -29.90 2.47
C MET B 521 -7.09 -30.48 2.52
N ALA B 522 -6.09 -29.75 2.02
CA ALA B 522 -4.68 -30.20 1.90
C ALA B 522 -3.92 -30.00 3.22
N SER B 523 -4.57 -29.58 4.29
CA SER B 523 -3.89 -29.20 5.55
C SER B 523 -3.46 -30.45 6.31
N THR B 524 -2.35 -30.38 7.04
CA THR B 524 -2.00 -31.30 8.14
C THR B 524 -2.99 -31.05 9.27
N GLY B 525 -3.65 -32.08 9.79
CA GLY B 525 -4.52 -31.98 10.97
C GLY B 525 -5.83 -31.30 10.64
N THR B 526 -6.17 -30.23 11.37
CA THR B 526 -7.41 -29.43 11.17
C THR B 526 -7.49 -28.97 9.70
N ARG B 527 -8.67 -29.07 9.08
CA ARG B 527 -8.96 -28.44 7.76
C ARG B 527 -9.42 -27.01 8.01
N ARG B 528 -8.47 -26.07 7.98
CA ARG B 528 -8.71 -24.60 7.93
C ARG B 528 -7.91 -24.04 6.75
N LEU B 529 -8.43 -22.98 6.13
CA LEU B 529 -7.66 -22.14 5.18
C LEU B 529 -6.71 -21.24 5.99
N GLY B 530 -5.44 -21.22 5.60
CA GLY B 530 -4.43 -20.29 6.13
C GLY B 530 -4.50 -18.98 5.37
N VAL B 531 -4.37 -17.87 6.07
CA VAL B 531 -4.37 -16.49 5.51
C VAL B 531 -3.30 -15.68 6.23
N MET B 532 -2.46 -14.97 5.50
CA MET B 532 -1.44 -14.08 6.10
C MET B 532 -1.28 -12.81 5.26
N LYS B 533 -1.35 -11.68 5.95
CA LYS B 533 -1.06 -10.33 5.42
C LYS B 533 0.24 -9.90 6.09
N GLY B 534 1.25 -9.55 5.30
CA GLY B 534 2.57 -9.09 5.77
C GLY B 534 2.89 -7.74 5.17
N ASP B 535 3.67 -6.93 5.88
CA ASP B 535 3.95 -5.54 5.50
C ASP B 535 5.27 -5.12 6.15
N VAL B 536 6.07 -4.34 5.44
CA VAL B 536 7.38 -3.82 5.93
C VAL B 536 7.13 -2.66 6.88
N ASP B 537 7.90 -2.63 7.97
CA ASP B 537 7.78 -1.65 9.07
C ASP B 537 8.53 -0.37 8.69
N ARG B 538 7.83 0.77 8.78
CA ARG B 538 8.38 2.14 8.68
C ARG B 538 9.19 2.29 7.39
N LEU B 539 8.69 1.76 6.28
CA LEU B 539 9.33 1.92 4.96
C LEU B 539 9.37 3.39 4.60
N GLY B 540 8.26 4.11 4.78
CA GLY B 540 8.14 5.55 4.47
C GLY B 540 9.28 6.34 5.09
N GLU B 541 9.65 5.97 6.31
CA GLU B 541 10.76 6.58 7.10
C GLU B 541 12.07 6.31 6.36
N PHE B 542 12.29 5.06 5.96
CA PHE B 542 13.54 4.58 5.29
C PHE B 542 13.70 5.26 3.92
N PHE B 543 12.61 5.37 3.15
CA PHE B 543 12.58 6.04 1.83
C PHE B 543 12.82 7.54 1.97
N SER B 544 12.32 8.13 3.06
CA SER B 544 12.49 9.57 3.41
C SER B 544 13.97 9.91 3.55
N SER B 545 14.81 8.92 3.93
CA SER B 545 16.27 9.05 4.15
C SER B 545 17.05 8.94 2.83
N MET B 546 16.38 8.87 1.67
CA MET B 546 17.04 8.82 0.34
C MET B 546 17.30 10.27 -0.12
N ASP B 547 18.57 10.57 -0.48
CA ASP B 547 19.06 11.93 -0.88
C ASP B 547 18.60 12.30 -2.29
N SER B 548 18.63 11.36 -3.22
CA SER B 548 18.61 11.64 -4.68
C SER B 548 17.58 10.77 -5.40
N PRO B 549 17.06 11.23 -6.56
CA PRO B 549 16.20 10.42 -7.42
C PRO B 549 16.73 9.00 -7.66
N SER B 550 18.03 8.85 -7.88
CA SER B 550 18.66 7.56 -8.27
C SER B 550 18.75 6.63 -7.05
N LYS B 551 18.99 7.18 -5.85
CA LYS B 551 18.93 6.44 -4.56
C LYS B 551 17.52 5.87 -4.34
N LEU B 552 16.50 6.71 -4.46
CA LEU B 552 15.07 6.34 -4.28
C LEU B 552 14.68 5.26 -5.30
N ALA B 553 15.14 5.40 -6.55
CA ALA B 553 14.90 4.46 -7.66
C ALA B 553 15.43 3.05 -7.30
N THR B 554 16.60 2.97 -6.68
CA THR B 554 17.23 1.68 -6.27
C THR B 554 16.43 1.08 -5.12
N ALA B 555 16.25 1.84 -4.03
CA ALA B 555 15.48 1.44 -2.83
C ALA B 555 14.11 0.92 -3.25
N SER B 556 13.40 1.71 -4.05
CA SER B 556 12.02 1.44 -4.52
C SER B 556 11.96 0.11 -5.27
N ARG B 557 12.87 -0.10 -6.21
CA ARG B 557 12.89 -1.27 -7.14
C ARG B 557 13.28 -2.54 -6.39
N PHE B 558 14.41 -2.51 -5.68
CA PHE B 558 14.93 -3.67 -4.88
C PHE B 558 13.83 -4.13 -3.92
N MET B 559 13.11 -3.18 -3.33
CA MET B 559 12.02 -3.47 -2.37
C MET B 559 10.87 -4.14 -3.10
N ASP B 560 10.36 -3.49 -4.14
CA ASP B 560 9.21 -3.98 -4.93
C ASP B 560 9.53 -5.38 -5.45
N TYR B 561 10.77 -5.62 -5.87
CA TYR B 561 11.25 -6.89 -6.48
C TYR B 561 11.23 -8.03 -5.46
N PHE B 562 11.53 -7.74 -4.19
CA PHE B 562 11.45 -8.77 -3.13
C PHE B 562 10.09 -9.48 -3.22
N PHE B 563 9.01 -8.70 -3.31
CA PHE B 563 7.61 -9.21 -3.26
C PHE B 563 7.14 -9.69 -4.65
N LYS B 564 7.36 -8.90 -5.70
CA LYS B 564 6.91 -9.21 -7.09
C LYS B 564 7.75 -10.35 -7.69
N GLY B 565 9.00 -10.52 -7.23
CA GLY B 565 10.01 -11.37 -7.89
C GLY B 565 10.31 -12.66 -7.13
N TYR B 566 10.65 -12.56 -5.85
CA TYR B 566 11.32 -13.63 -5.07
C TYR B 566 10.34 -14.37 -4.15
N ILE B 567 9.12 -13.89 -3.94
CA ILE B 567 8.13 -14.57 -3.05
C ILE B 567 7.70 -15.89 -3.72
N GLY B 568 7.60 -15.91 -5.04
CA GLY B 568 7.36 -17.16 -5.80
C GLY B 568 8.43 -18.19 -5.48
N ALA B 569 9.71 -17.80 -5.56
CA ALA B 569 10.87 -18.66 -5.29
C ALA B 569 10.80 -19.14 -3.83
N ILE B 570 10.50 -18.23 -2.90
CA ILE B 570 10.44 -18.53 -1.44
C ILE B 570 9.40 -19.64 -1.24
N ILE B 571 8.23 -19.52 -1.88
CA ILE B 571 7.11 -20.49 -1.81
C ILE B 571 7.55 -21.83 -2.41
N GLU B 572 8.32 -21.83 -3.51
CA GLU B 572 8.74 -23.04 -4.27
C GLU B 572 9.61 -23.94 -3.39
N GLY B 573 10.35 -23.36 -2.44
CA GLY B 573 11.26 -24.08 -1.52
C GLY B 573 12.70 -23.68 -1.70
N LYS B 574 12.96 -22.57 -2.40
CA LYS B 574 14.33 -22.10 -2.71
C LYS B 574 14.89 -21.36 -1.48
N PHE B 575 16.21 -21.14 -1.48
CA PHE B 575 16.98 -20.34 -0.50
C PHE B 575 17.02 -21.08 0.84
N GLY B 576 16.97 -22.42 0.77
CA GLY B 576 17.09 -23.37 1.90
C GLY B 576 18.20 -23.01 2.88
N TYR B 577 19.43 -22.74 2.40
CA TYR B 577 20.60 -22.42 3.27
C TYR B 577 20.43 -21.01 3.87
N ILE B 578 19.87 -20.08 3.10
CA ILE B 578 19.65 -18.68 3.56
C ILE B 578 18.56 -18.71 4.64
N ILE B 579 17.42 -19.36 4.35
CA ILE B 579 16.23 -19.45 5.25
C ILE B 579 16.64 -20.18 6.54
N GLY B 580 16.99 -21.47 6.44
CA GLY B 580 17.39 -22.31 7.59
C GLY B 580 16.20 -23.02 8.20
N ASP B 581 16.35 -23.54 9.42
CA ASP B 581 15.24 -24.10 10.23
C ASP B 581 14.25 -23.00 10.56
N VAL B 582 12.99 -23.18 10.17
CA VAL B 582 11.85 -22.30 10.56
C VAL B 582 10.80 -23.17 11.24
N PRO B 583 9.96 -22.61 12.12
CA PRO B 583 8.82 -23.36 12.63
C PRO B 583 8.09 -24.01 11.43
N SER B 584 7.72 -25.29 11.58
CA SER B 584 7.17 -26.11 10.47
C SER B 584 6.45 -27.36 11.01
N LEU B 585 5.47 -27.84 10.26
CA LEU B 585 4.57 -28.93 10.72
C LEU B 585 4.67 -30.13 9.80
N ARG B 586 5.33 -29.99 8.66
CA ARG B 586 5.39 -31.02 7.61
C ARG B 586 6.61 -30.75 6.72
N ASP B 587 7.03 -31.78 5.98
CA ASP B 587 8.08 -31.66 4.93
C ASP B 587 7.55 -30.70 3.87
N TRP B 588 8.34 -29.75 3.41
CA TRP B 588 7.87 -28.73 2.43
C TRP B 588 7.45 -29.47 1.15
N PRO B 589 6.24 -29.20 0.61
CA PRO B 589 5.79 -29.92 -0.59
C PRO B 589 6.51 -29.42 -1.86
N GLU B 590 6.45 -30.19 -2.94
CA GLU B 590 7.04 -29.83 -4.26
C GLU B 590 6.14 -28.79 -4.92
N GLU B 591 4.82 -29.02 -4.88
CA GLU B 591 3.77 -28.10 -5.40
C GLU B 591 2.95 -27.58 -4.21
N PRO B 592 3.50 -26.67 -3.37
CA PRO B 592 2.81 -26.25 -2.14
C PRO B 592 1.38 -25.73 -2.38
N ASP B 593 0.49 -26.03 -1.42
CA ASP B 593 -0.95 -25.62 -1.41
C ASP B 593 -1.01 -24.18 -0.90
N ILE B 594 -0.52 -23.28 -1.76
CA ILE B 594 -0.36 -21.83 -1.52
C ILE B 594 -0.95 -21.14 -2.75
N VAL B 595 -1.65 -20.03 -2.56
CA VAL B 595 -2.11 -19.14 -3.66
C VAL B 595 -1.86 -17.69 -3.22
N VAL B 596 -1.19 -16.93 -4.08
CA VAL B 596 -0.86 -15.50 -3.85
C VAL B 596 -2.05 -14.65 -4.35
N VAL B 597 -2.64 -13.84 -3.48
CA VAL B 597 -3.69 -12.87 -3.87
C VAL B 597 -2.98 -11.60 -4.37
N TYR B 598 -2.05 -11.08 -3.58
CA TYR B 598 -1.19 -9.92 -3.96
C TYR B 598 0.13 -10.00 -3.20
N ALA B 599 1.20 -9.57 -3.87
CA ALA B 599 2.56 -9.41 -3.32
C ALA B 599 3.24 -8.29 -4.09
N GLY B 600 3.27 -7.09 -3.53
CA GLY B 600 3.82 -5.89 -4.19
C GLY B 600 4.08 -4.79 -3.20
N GLY B 601 4.90 -3.81 -3.59
CA GLY B 601 5.32 -2.69 -2.74
C GLY B 601 6.20 -3.15 -1.61
N ASP B 602 5.63 -3.23 -0.41
CA ASP B 602 6.29 -3.78 0.80
C ASP B 602 5.30 -4.66 1.57
N ASP B 603 4.35 -5.31 0.89
CA ASP B 603 3.35 -6.14 1.60
C ASP B 603 2.78 -7.23 0.70
N PHE B 604 2.11 -8.20 1.32
CA PHE B 604 1.52 -9.35 0.61
C PHE B 604 0.30 -9.91 1.35
N PHE B 605 -0.62 -10.49 0.58
CA PHE B 605 -1.80 -11.24 1.04
C PHE B 605 -1.75 -12.60 0.35
N ILE B 606 -1.57 -13.66 1.14
CA ILE B 606 -1.36 -15.05 0.62
C ILE B 606 -2.28 -15.98 1.42
N VAL B 607 -2.90 -16.94 0.74
CA VAL B 607 -3.79 -17.97 1.36
C VAL B 607 -3.26 -19.34 0.97
N GLY B 608 -3.72 -20.39 1.66
CA GLY B 608 -3.25 -21.78 1.45
C GLY B 608 -3.57 -22.65 2.65
N ALA B 609 -3.30 -23.95 2.54
CA ALA B 609 -3.33 -24.90 3.68
C ALA B 609 -2.66 -24.23 4.88
N TRP B 610 -3.32 -24.24 6.04
CA TRP B 610 -2.99 -23.38 7.20
C TRP B 610 -1.56 -23.65 7.68
N ASP B 611 -1.14 -24.91 7.64
CA ASP B 611 0.20 -25.33 8.16
C ASP B 611 1.26 -24.82 7.19
N GLN B 612 1.01 -24.90 5.89
CA GLN B 612 1.97 -24.42 4.86
C GLN B 612 2.06 -22.88 4.95
N ILE B 613 0.95 -22.23 5.29
CA ILE B 613 0.89 -20.74 5.45
C ILE B 613 1.69 -20.32 6.69
N PHE B 614 1.52 -21.05 7.79
CA PHE B 614 2.19 -20.81 9.10
C PHE B 614 3.71 -20.80 8.86
N GLU B 615 4.19 -21.80 8.13
CA GLU B 615 5.63 -21.99 7.83
C GLU B 615 6.11 -20.90 6.87
N LEU B 616 5.33 -20.59 5.82
CA LEU B 616 5.73 -19.61 4.77
C LEU B 616 5.98 -18.23 5.38
N ALA B 617 5.28 -17.86 6.46
CA ALA B 617 5.46 -16.59 7.19
C ALA B 617 6.91 -16.46 7.68
N PHE B 618 7.47 -17.55 8.22
CA PHE B 618 8.84 -17.57 8.83
C PHE B 618 9.89 -17.64 7.73
N ARG B 619 9.61 -18.39 6.67
CA ARG B 619 10.45 -18.42 5.45
C ARG B 619 10.58 -17.01 4.88
N VAL B 620 9.45 -16.33 4.68
CA VAL B 620 9.43 -14.98 4.02
C VAL B 620 10.14 -13.97 4.93
N ARG B 621 9.98 -14.06 6.25
CA ARG B 621 10.61 -13.12 7.19
C ARG B 621 12.14 -13.30 7.17
N ARG B 622 12.63 -14.52 7.03
CA ARG B 622 14.08 -14.83 7.07
C ARG B 622 14.72 -14.42 5.75
N ALA B 623 14.13 -14.84 4.62
CA ALA B 623 14.46 -14.35 3.27
C ALA B 623 14.63 -12.84 3.32
N PHE B 624 13.61 -12.13 3.83
CA PHE B 624 13.57 -10.65 3.88
C PHE B 624 14.68 -10.11 4.79
N ASN B 625 14.98 -10.82 5.88
CA ASN B 625 16.04 -10.42 6.83
C ASN B 625 17.40 -10.47 6.12
N ALA B 626 17.60 -11.49 5.27
CA ALA B 626 18.82 -11.69 4.45
C ALA B 626 18.92 -10.63 3.35
N TYR B 627 17.80 -10.23 2.75
CA TYR B 627 17.70 -9.41 1.51
C TYR B 627 17.92 -7.93 1.85
N THR B 628 17.33 -7.53 2.96
CA THR B 628 17.73 -6.33 3.72
C THR B 628 19.03 -6.78 4.40
N GLY B 629 19.74 -5.95 5.16
CA GLY B 629 20.99 -6.42 5.77
C GLY B 629 20.76 -6.84 7.20
N GLY B 630 19.61 -7.47 7.45
CA GLY B 630 18.95 -7.48 8.77
C GLY B 630 18.68 -6.07 9.27
N LYS B 631 18.47 -5.11 8.37
CA LYS B 631 18.27 -3.68 8.73
C LYS B 631 16.80 -3.27 8.62
N LEU B 632 15.98 -4.08 7.94
CA LEU B 632 14.55 -3.79 7.77
C LEU B 632 13.74 -4.98 8.30
N THR B 633 12.51 -4.70 8.71
CA THR B 633 11.67 -5.64 9.46
C THR B 633 10.29 -5.78 8.81
N LEU B 634 9.72 -6.98 8.94
CA LEU B 634 8.33 -7.33 8.60
C LEU B 634 7.49 -7.41 9.87
N SER B 635 6.22 -7.08 9.79
CA SER B 635 5.18 -7.57 10.71
C SER B 635 4.24 -8.46 9.90
N VAL B 636 3.72 -9.53 10.51
CA VAL B 636 2.77 -10.46 9.84
C VAL B 636 1.56 -10.71 10.73
N GLY B 637 0.37 -10.69 10.12
CA GLY B 637 -0.87 -11.19 10.73
C GLY B 637 -1.28 -12.51 10.11
N LEU B 638 -1.39 -13.57 10.92
CA LEU B 638 -1.82 -14.93 10.48
C LEU B 638 -3.25 -15.19 10.95
N GLY B 639 -3.99 -15.97 10.18
CA GLY B 639 -5.36 -16.43 10.49
C GLY B 639 -5.64 -17.82 9.90
N TYR B 640 -6.37 -18.64 10.66
CA TYR B 640 -6.76 -20.02 10.32
C TYR B 640 -8.29 -20.13 10.40
N PHE B 641 -8.99 -20.05 9.26
CA PHE B 641 -10.46 -19.99 9.22
C PHE B 641 -11.05 -21.27 8.60
N ASP B 642 -12.27 -21.59 9.02
CA ASP B 642 -13.20 -22.48 8.30
C ASP B 642 -13.25 -22.01 6.85
N GLU B 643 -13.08 -22.94 5.90
CA GLU B 643 -12.98 -22.67 4.43
C GLU B 643 -14.23 -21.94 3.93
N ARG B 644 -15.31 -21.92 4.73
CA ARG B 644 -16.61 -21.28 4.36
C ARG B 644 -16.67 -19.80 4.77
N THR B 645 -15.69 -19.29 5.54
CA THR B 645 -15.64 -17.87 5.97
C THR B 645 -15.52 -16.98 4.73
N PRO B 646 -16.38 -15.94 4.56
CA PRO B 646 -16.23 -15.01 3.44
C PRO B 646 -14.93 -14.19 3.49
N ILE B 647 -14.38 -13.88 2.31
CA ILE B 647 -13.09 -13.14 2.12
C ILE B 647 -13.09 -11.89 3.03
N TYR B 648 -14.18 -11.11 3.02
CA TYR B 648 -14.24 -9.77 3.65
C TYR B 648 -13.91 -9.93 5.14
N ARG B 649 -14.31 -11.06 5.73
CA ARG B 649 -14.14 -11.31 7.19
C ARG B 649 -12.69 -11.75 7.47
N MET B 650 -12.15 -12.64 6.64
CA MET B 650 -10.76 -13.13 6.76
C MET B 650 -9.81 -11.95 6.59
N ALA B 651 -10.00 -11.16 5.53
CA ALA B 651 -9.25 -9.92 5.25
C ALA B 651 -9.25 -9.05 6.51
N ASP B 652 -10.42 -8.86 7.11
CA ASP B 652 -10.66 -7.93 8.25
C ASP B 652 -9.87 -8.38 9.48
N VAL B 653 -9.93 -9.68 9.78
CA VAL B 653 -9.29 -10.31 10.96
C VAL B 653 -7.77 -10.24 10.81
N VAL B 654 -7.22 -10.62 9.65
CA VAL B 654 -5.73 -10.64 9.45
C VAL B 654 -5.22 -9.20 9.42
N SER B 655 -5.99 -8.28 8.83
CA SER B 655 -5.74 -6.81 8.87
C SER B 655 -5.64 -6.32 10.33
N GLU B 656 -6.66 -6.63 11.13
CA GLU B 656 -6.74 -6.29 12.58
C GLU B 656 -5.48 -6.81 13.28
N ARG B 657 -5.05 -8.03 12.92
CA ARG B 657 -3.91 -8.75 13.58
C ARG B 657 -2.57 -8.19 13.08
N LEU B 658 -2.48 -7.79 11.81
CA LEU B 658 -1.27 -7.13 11.27
C LEU B 658 -1.10 -5.80 12.01
N ASP B 659 -2.17 -5.01 12.12
CA ASP B 659 -2.14 -3.68 12.79
C ASP B 659 -1.66 -3.87 14.22
N THR B 660 -2.14 -4.93 14.88
CA THR B 660 -1.81 -5.26 16.29
C THR B 660 -0.31 -5.53 16.38
N ALA B 661 0.21 -6.42 15.56
CA ALA B 661 1.66 -6.72 15.49
C ALA B 661 2.43 -5.42 15.35
N LYS B 662 2.08 -4.62 14.34
CA LYS B 662 2.63 -3.25 14.12
C LYS B 662 2.59 -2.46 15.44
N ASP B 663 1.40 -2.35 16.03
CA ASP B 663 1.09 -1.41 17.14
C ASP B 663 1.79 -1.87 18.42
N GLU B 664 2.16 -3.15 18.53
CA GLU B 664 2.81 -3.74 19.75
C GLU B 664 4.33 -3.75 19.57
N GLY B 665 4.89 -3.08 18.56
CA GLY B 665 6.35 -2.88 18.46
C GLY B 665 6.93 -3.02 17.06
N ARG B 666 6.25 -3.72 16.15
CA ARG B 666 6.79 -4.07 14.80
C ARG B 666 7.93 -5.08 14.97
N ASN B 667 8.36 -5.73 13.88
CA ASN B 667 9.26 -6.92 13.91
C ASN B 667 8.59 -8.05 14.66
N ARG B 668 7.26 -8.16 14.61
CA ARG B 668 6.55 -9.23 15.34
C ARG B 668 5.47 -9.86 14.45
N VAL B 669 5.01 -11.05 14.86
CA VAL B 669 4.03 -11.89 14.12
C VAL B 669 2.88 -12.25 15.05
N PHE B 670 1.65 -12.02 14.58
CA PHE B 670 0.42 -12.53 15.22
C PHE B 670 0.24 -13.97 14.74
N VAL B 671 0.68 -14.93 15.55
CA VAL B 671 0.77 -16.38 15.19
C VAL B 671 -0.64 -16.97 15.22
N VAL B 672 -1.36 -16.76 16.33
CA VAL B 672 -2.69 -17.37 16.58
C VAL B 672 -3.48 -16.49 17.55
N GLY B 673 -4.81 -16.51 17.46
CA GLY B 673 -5.74 -15.87 18.43
C GLY B 673 -5.44 -16.35 19.83
N ARG B 674 -5.49 -15.45 20.83
CA ARG B 674 -4.96 -15.70 22.20
C ARG B 674 -5.70 -14.87 23.25
N SER B 675 -6.08 -15.52 24.35
CA SER B 675 -6.56 -14.90 25.62
C SER B 675 -5.38 -14.23 26.33
N ARG B 676 -5.62 -13.13 27.04
CA ARG B 676 -4.57 -12.40 27.81
C ARG B 676 -5.16 -11.46 28.85
N PRO B 677 -4.40 -11.16 29.93
CA PRO B 677 -4.71 -10.03 30.79
C PRO B 677 -4.89 -8.75 29.95
N LEU B 678 -6.00 -8.03 30.17
CA LEU B 678 -6.24 -6.67 29.60
C LEU B 678 -5.67 -5.61 30.57
N ASP B 679 -4.41 -5.78 30.97
CA ASP B 679 -3.71 -4.94 31.97
C ASP B 679 -2.60 -4.13 31.28
N GLY B 680 -2.56 -4.16 29.93
CA GLY B 680 -1.58 -3.43 29.09
C GLY B 680 -0.14 -3.84 29.34
N LYS B 681 0.12 -5.05 29.84
CA LYS B 681 1.48 -5.65 30.01
C LYS B 681 1.68 -6.84 29.05
N HIS B 682 0.60 -7.33 28.43
CA HIS B 682 0.59 -8.64 27.69
C HIS B 682 0.27 -8.39 26.22
N LYS B 683 1.29 -8.49 25.37
CA LYS B 683 1.15 -8.37 23.89
C LYS B 683 0.56 -9.68 23.36
N LEU B 684 -0.34 -9.60 22.37
CA LEU B 684 -0.85 -10.78 21.64
C LEU B 684 0.22 -11.26 20.64
N SER B 685 0.89 -10.33 19.95
CA SER B 685 1.98 -10.55 18.98
C SER B 685 3.21 -11.17 19.64
N TYR B 686 4.08 -11.77 18.83
CA TYR B 686 5.43 -12.27 19.23
C TYR B 686 6.51 -11.61 18.37
N GLU B 687 7.59 -11.11 18.97
CA GLU B 687 8.88 -10.87 18.27
C GLU B 687 9.23 -12.15 17.52
N TRP B 688 9.54 -12.04 16.24
CA TRP B 688 9.90 -13.19 15.37
C TRP B 688 10.88 -14.12 16.10
N ASN B 689 11.98 -13.58 16.64
CA ASN B 689 13.05 -14.37 17.30
C ASN B 689 12.49 -15.07 18.54
N HIS B 690 11.73 -14.36 19.38
CA HIS B 690 11.05 -14.91 20.58
C HIS B 690 10.23 -16.17 20.20
N TYR B 691 9.33 -16.06 19.23
CA TYR B 691 8.49 -17.22 18.80
C TYR B 691 9.39 -18.31 18.20
N GLU B 692 10.42 -17.93 17.46
CA GLU B 692 11.31 -18.91 16.80
C GLU B 692 12.07 -19.68 17.89
N GLU B 693 12.48 -19.00 18.98
CA GLU B 693 13.14 -19.63 20.15
C GLU B 693 12.18 -20.64 20.76
N LEU B 694 10.96 -20.20 21.09
CA LEU B 694 9.94 -21.04 21.76
C LEU B 694 9.75 -22.32 20.94
N TRP B 695 9.54 -22.20 19.64
CA TRP B 695 9.31 -23.38 18.76
C TRP B 695 10.50 -24.33 18.83
N ARG B 696 11.73 -23.81 18.80
CA ARG B 696 13.00 -24.60 18.93
C ARG B 696 13.05 -25.32 20.28
N THR B 697 12.56 -24.67 21.35
CA THR B 697 12.54 -25.21 22.74
C THR B 697 11.53 -26.37 22.86
N TYR B 698 10.24 -26.17 22.51
CA TYR B 698 9.11 -27.02 22.97
C TYR B 698 8.66 -28.01 21.89
N ALA B 699 8.59 -27.61 20.63
CA ALA B 699 8.05 -28.43 19.52
C ALA B 699 8.76 -29.78 19.43
N PRO B 700 10.12 -29.86 19.46
CA PRO B 700 10.80 -31.15 19.34
C PRO B 700 10.48 -32.12 20.49
N ARG B 701 10.09 -31.60 21.66
CA ARG B 701 9.82 -32.41 22.88
C ARG B 701 8.45 -33.07 22.78
N ILE B 702 7.54 -32.53 21.95
CA ILE B 702 6.10 -32.94 21.93
C ILE B 702 5.65 -33.37 20.53
N TYR B 703 6.39 -33.02 19.46
CA TYR B 703 5.93 -33.14 18.05
C TYR B 703 6.98 -33.86 17.20
N ALA B 704 6.55 -34.95 16.55
CA ALA B 704 7.42 -35.87 15.77
C ALA B 704 7.55 -35.37 14.33
N GLY B 705 6.51 -34.69 13.82
CA GLY B 705 6.45 -34.13 12.46
C GLY B 705 5.29 -34.70 11.67
N ASN B 706 4.96 -34.07 10.54
CA ASN B 706 4.01 -34.59 9.52
C ASN B 706 2.75 -35.17 10.18
N GLY B 707 2.12 -34.39 11.07
CA GLY B 707 0.78 -34.65 11.63
C GLY B 707 0.80 -35.53 12.87
N ARG B 708 1.97 -35.84 13.43
CA ARG B 708 2.13 -36.87 14.48
C ARG B 708 2.81 -36.31 15.74
N LEU B 709 2.16 -36.53 16.87
CA LEU B 709 2.69 -36.32 18.25
C LEU B 709 3.90 -37.25 18.43
N LYS B 710 4.69 -37.03 19.48
CA LYS B 710 5.77 -37.96 19.92
C LYS B 710 5.13 -39.17 20.60
N GLY B 711 5.78 -40.34 20.53
CA GLY B 711 5.28 -41.64 21.03
C GLY B 711 4.93 -41.59 22.51
N LYS B 712 5.76 -40.92 23.32
CA LYS B 712 5.54 -40.74 24.78
C LYS B 712 4.15 -40.13 25.02
N LEU B 713 3.78 -39.14 24.20
CA LEU B 713 2.61 -38.25 24.41
C LEU B 713 1.35 -38.77 23.71
N GLU B 714 1.41 -39.93 23.04
CA GLU B 714 0.23 -40.50 22.34
C GLU B 714 -0.90 -40.76 23.37
N SER B 715 -0.57 -41.40 24.48
CA SER B 715 -1.52 -41.69 25.59
C SER B 715 -1.61 -40.51 26.57
N LYS B 716 -0.65 -39.58 26.52
CA LYS B 716 -0.52 -38.42 27.47
C LYS B 716 -0.75 -37.09 26.75
N LYS B 717 -1.63 -37.07 25.74
CA LYS B 717 -1.97 -35.87 24.93
C LYS B 717 -2.68 -34.84 25.83
N GLY B 718 -3.20 -35.27 26.98
CA GLY B 718 -4.02 -34.45 27.90
C GLY B 718 -3.17 -33.45 28.67
N LEU B 719 -1.91 -33.77 28.93
CA LEU B 719 -0.98 -32.87 29.68
C LEU B 719 -0.85 -31.54 28.91
N LEU B 720 -0.89 -31.58 27.57
CA LEU B 720 -0.81 -30.40 26.68
C LEU B 720 -2.04 -29.52 26.90
N TRP B 721 -3.24 -30.11 26.90
CA TRP B 721 -4.51 -29.39 27.18
C TRP B 721 -4.48 -28.82 28.60
N LYS B 722 -3.91 -29.55 29.56
CA LYS B 722 -3.89 -29.14 30.99
C LYS B 722 -3.01 -27.91 31.13
N LEU B 723 -1.86 -27.88 30.45
CA LEU B 723 -0.95 -26.70 30.43
C LEU B 723 -1.69 -25.46 29.92
N LEU B 724 -2.61 -25.62 28.97
CA LEU B 724 -3.43 -24.50 28.43
C LEU B 724 -4.45 -24.08 29.49
N GLU B 725 -5.14 -25.04 30.12
CA GLU B 725 -6.12 -24.78 31.22
C GLU B 725 -5.39 -24.06 32.37
N ILE B 726 -4.13 -24.43 32.64
CA ILE B 726 -3.24 -23.79 33.65
C ILE B 726 -2.91 -22.35 33.24
N ARG B 727 -2.62 -22.12 31.96
CA ARG B 727 -2.29 -20.78 31.40
C ARG B 727 -3.51 -19.86 31.49
N GLU B 728 -4.73 -20.42 31.49
CA GLU B 728 -5.99 -19.64 31.62
C GLU B 728 -6.12 -19.09 33.04
N LEU B 729 -5.61 -19.81 34.05
CA LEU B 729 -5.68 -19.41 35.49
C LEU B 729 -4.56 -18.41 35.80
N TYR B 730 -3.74 -18.09 34.80
CA TYR B 730 -2.79 -16.95 34.79
C TYR B 730 -3.42 -15.78 34.01
N VAL B 731 -4.30 -16.07 33.04
CA VAL B 731 -5.07 -15.04 32.28
C VAL B 731 -6.16 -14.44 33.18
N ARG B 732 -6.93 -15.28 33.88
CA ARG B 732 -7.97 -14.88 34.87
C ARG B 732 -7.39 -13.81 35.80
N ASP B 733 -6.18 -14.03 36.27
CA ASP B 733 -5.42 -13.09 37.15
C ASP B 733 -3.95 -13.49 37.16
N PRO B 734 -3.05 -12.73 36.49
CA PRO B 734 -1.61 -13.02 36.54
C PRO B 734 -0.95 -12.69 37.89
N ASN B 735 -1.76 -12.55 38.96
CA ASN B 735 -1.32 -12.18 40.32
C ASN B 735 -1.67 -13.30 41.31
N ASP B 736 -2.87 -13.90 41.17
CA ASP B 736 -3.30 -15.14 41.89
C ASP B 736 -2.29 -16.26 41.57
N VAL B 737 -1.63 -16.80 42.61
CA VAL B 737 -0.40 -17.64 42.48
C VAL B 737 -0.77 -19.13 42.47
N ARG B 738 -1.98 -19.47 42.04
CA ARG B 738 -2.54 -20.86 42.03
C ARG B 738 -1.80 -21.73 41.00
N TRP B 739 -1.43 -21.18 39.83
CA TRP B 739 -0.80 -21.92 38.71
C TRP B 739 0.58 -22.48 39.12
N ALA B 740 1.17 -21.98 40.22
CA ALA B 740 2.32 -22.59 40.92
C ALA B 740 1.90 -23.95 41.51
N TYR B 741 0.82 -23.94 42.29
CA TYR B 741 0.16 -25.09 42.97
C TYR B 741 -0.08 -26.23 41.96
N LEU B 742 -0.83 -25.97 40.89
CA LEU B 742 -1.31 -26.99 39.91
C LEU B 742 -0.12 -27.73 39.28
N THR B 743 1.01 -27.05 39.04
CA THR B 743 2.28 -27.63 38.53
C THR B 743 3.02 -28.32 39.68
N SER B 753 6.37 -31.57 36.51
CA SER B 753 6.66 -32.32 35.26
C SER B 753 8.11 -32.06 34.81
N ASP B 754 8.75 -33.07 34.20
CA ASP B 754 10.14 -32.99 33.66
C ASP B 754 10.09 -32.70 32.16
N LEU B 755 8.89 -32.41 31.61
CA LEU B 755 8.67 -32.14 30.16
C LEU B 755 8.79 -30.63 29.89
N PHE B 756 8.19 -29.81 30.75
CA PHE B 756 8.23 -28.32 30.66
C PHE B 756 8.77 -27.74 31.96
N PRO B 757 10.12 -27.68 32.15
CA PRO B 757 10.70 -27.22 33.41
C PRO B 757 10.60 -25.70 33.64
N GLU B 758 10.70 -24.91 32.57
CA GLU B 758 10.79 -23.42 32.65
C GLU B 758 9.41 -22.81 32.88
N LEU B 759 8.35 -23.62 32.98
CA LEU B 759 6.96 -23.13 33.23
C LEU B 759 6.53 -23.38 34.69
N VAL B 760 7.17 -24.32 35.39
CA VAL B 760 6.74 -24.77 36.76
C VAL B 760 7.09 -23.67 37.77
N GLY B 761 8.27 -23.06 37.63
CA GLY B 761 8.75 -21.97 38.52
C GLY B 761 7.90 -20.71 38.39
N ILE B 762 8.09 -19.76 39.31
CA ILE B 762 7.56 -18.36 39.24
C ILE B 762 8.76 -17.45 38.96
N ASP B 763 9.15 -17.30 37.69
CA ASP B 763 10.28 -16.44 37.24
C ASP B 763 10.07 -15.02 37.76
N THR B 764 11.14 -14.38 38.26
CA THR B 764 11.10 -13.10 39.01
C THR B 764 11.64 -11.94 38.16
N LYS B 765 12.69 -12.19 37.37
CA LYS B 765 13.21 -11.23 36.36
C LYS B 765 12.01 -10.67 35.58
N ALA B 766 11.09 -11.56 35.17
CA ALA B 766 9.83 -11.25 34.48
C ALA B 766 8.97 -10.31 35.34
N VAL B 767 8.70 -10.70 36.60
CA VAL B 767 7.82 -9.94 37.55
C VAL B 767 8.44 -8.56 37.78
N GLU B 768 9.78 -8.49 37.90
CA GLU B 768 10.55 -7.24 38.16
C GLU B 768 10.55 -6.37 36.89
N ARG B 769 10.98 -6.93 35.76
CA ARG B 769 11.05 -6.24 34.44
C ARG B 769 9.66 -5.77 33.99
N LYS B 770 8.60 -6.15 34.70
CA LYS B 770 7.18 -5.80 34.39
C LYS B 770 6.78 -6.51 33.09
N GLU B 771 7.09 -7.80 32.98
CA GLU B 771 6.89 -8.65 31.77
C GLU B 771 6.06 -9.88 32.13
N PRO B 772 5.50 -10.59 31.12
CA PRO B 772 4.72 -11.81 31.37
C PRO B 772 5.58 -12.99 31.85
N GLN B 773 4.93 -13.96 32.50
CA GLN B 773 5.53 -15.25 32.93
C GLN B 773 5.63 -16.20 31.74
N PRO B 774 6.73 -16.97 31.61
CA PRO B 774 6.93 -17.85 30.46
C PRO B 774 5.68 -18.64 30.03
N VAL B 775 4.86 -19.04 31.01
CA VAL B 775 3.57 -19.78 30.82
C VAL B 775 2.67 -19.01 29.85
N TYR B 776 2.72 -17.68 29.87
CA TYR B 776 1.90 -16.81 29.00
C TYR B 776 2.14 -17.18 27.53
N TRP B 777 3.39 -17.47 27.16
CA TRP B 777 3.85 -17.54 25.74
C TRP B 777 3.63 -18.91 25.10
N VAL B 778 3.52 -19.98 25.90
CA VAL B 778 3.64 -21.39 25.43
C VAL B 778 2.47 -21.74 24.50
N ASP B 779 1.27 -21.18 24.74
CA ASP B 779 0.07 -21.53 23.94
C ASP B 779 0.38 -21.31 22.44
N GLY B 780 1.22 -20.31 22.13
CA GLY B 780 1.66 -20.00 20.75
C GLY B 780 2.16 -21.23 20.03
N VAL B 781 2.90 -22.10 20.73
CA VAL B 781 3.43 -23.39 20.21
C VAL B 781 2.35 -24.48 20.33
N LEU B 782 1.79 -24.70 21.52
CA LEU B 782 0.90 -25.86 21.81
C LEU B 782 -0.32 -25.81 20.90
N LYS B 783 -0.97 -24.64 20.78
CA LYS B 783 -2.22 -24.49 19.98
C LYS B 783 -1.94 -24.89 18.53
N ILE B 784 -0.76 -24.56 18.00
CA ILE B 784 -0.36 -24.89 16.60
C ILE B 784 -0.19 -26.41 16.50
N VAL B 785 0.46 -27.04 17.49
CA VAL B 785 0.75 -28.50 17.50
C VAL B 785 -0.56 -29.30 17.70
N LEU B 786 -1.50 -28.80 18.49
CA LEU B 786 -2.79 -29.51 18.69
C LEU B 786 -3.61 -29.46 17.39
N MET B 787 -3.49 -28.37 16.62
CA MET B 787 -4.18 -28.18 15.31
C MET B 787 -3.63 -29.21 14.32
N ALA B 788 -2.32 -29.46 14.37
CA ALA B 788 -1.56 -30.31 13.43
C ALA B 788 -1.89 -31.80 13.65
N VAL B 789 -2.34 -32.16 14.85
CA VAL B 789 -2.45 -33.56 15.35
C VAL B 789 -3.92 -34.03 15.39
N ARG B 790 -4.90 -33.16 15.11
CA ARG B 790 -6.36 -33.50 15.09
C ARG B 790 -6.68 -34.20 13.78
PG ANP C . 3.96 0.75 8.54
O1G ANP C . 3.51 -0.19 7.46
O2G ANP C . 4.87 0.07 9.54
O3G ANP C . 2.75 1.17 9.32
PB ANP C . 4.98 2.22 6.24
O1B ANP C . 5.38 3.62 5.87
O2B ANP C . 5.82 1.08 5.75
N3B ANP C . 4.70 2.02 7.84
PA ANP C . 3.00 1.65 4.12
O1A ANP C . 2.95 0.16 4.10
O2A ANP C . 1.73 2.41 3.86
O3A ANP C . 3.54 2.09 5.57
O5' ANP C . 4.13 2.18 3.12
C5' ANP C . 4.43 3.61 3.05
C4' ANP C . 4.30 4.11 1.63
O4' ANP C . 5.30 3.46 0.81
C3' ANP C . 2.95 3.87 0.93
O3' ANP C . 2.51 5.04 0.27
C2' ANP C . 3.27 2.77 -0.09
O2' ANP C . 2.50 2.84 -1.28
C1' ANP C . 4.72 3.11 -0.41
N9 ANP C . 5.49 2.01 -0.97
C8 ANP C . 5.46 0.70 -0.57
N7 ANP C . 6.29 -0.05 -1.25
C5 ANP C . 6.92 0.82 -2.12
C6 ANP C . 7.92 0.64 -3.10
N6 ANP C . 8.49 -0.53 -3.35
N1 ANP C . 8.31 1.74 -3.78
C2 ANP C . 7.74 2.91 -3.50
N3 ANP C . 6.80 3.20 -2.61
C4 ANP C . 6.42 2.10 -1.95
PG ANP D . -5.92 5.00 1.63
O1G ANP D . -6.04 5.58 0.25
O2G ANP D . -6.17 6.11 2.62
O3G ANP D . -7.06 4.01 1.74
PB ANP D . -3.95 2.78 2.18
O1B ANP D . -2.82 2.34 1.30
O2B ANP D . -3.82 2.56 3.67
N3B ANP D . -4.43 4.33 1.90
PA ANP D . -5.87 1.31 0.42
O1A ANP D . -5.47 2.20 -0.71
O2A ANP D . -7.33 1.05 0.58
O3A ANP D . -5.23 1.88 1.78
O5' ANP D . -5.09 -0.10 0.31
C5' ANP D . -3.66 -0.18 0.06
C4' ANP D . -3.21 -1.62 0.14
O4' ANP D . -3.59 -2.31 -1.08
C3' ANP D . -1.70 -1.83 0.30
O3' ANP D . -1.40 -2.85 1.24
C2' ANP D . -1.27 -2.27 -1.11
O2' ANP D . -0.11 -3.08 -1.14
C1' ANP D . -2.49 -3.08 -1.52
N9 ANP D . -2.58 -3.29 -2.96
C8 ANP D . -2.12 -2.47 -3.95
N7 ANP D . -2.35 -2.94 -5.15
C5 ANP D . -2.99 -4.14 -4.93
C6 ANP D . -3.50 -5.13 -5.80
N6 ANP D . -3.43 -5.03 -7.13
N1 ANP D . -4.09 -6.21 -5.24
C2 ANP D . -4.17 -6.28 -3.90
N3 ANP D . -3.70 -5.43 -2.99
C4 ANP D . -3.13 -4.37 -3.58
MN MN E . 4.73 -0.67 5.50
MN MN F . 2.23 -1.45 2.80
MN MN G . -3.85 3.29 -0.80
#